data_2Z4D
#
_entry.id   2Z4D
#
_entity_poly.entity_id   1
_entity_poly.type   'polypeptide(L)'
_entity_poly.pdbx_seq_one_letter_code
;TVIKFRAGVCEYNEDSRLCTPIPVQGEIEIKPNEEEELGFWDFEWRPTEKPVGRELDPISLILIPGETMWVPIKSSKSGR
IFALVFSSNERYFFWL
;
_entity_poly.pdbx_strand_id   A
#
# COMPACT_ATOMS: atom_id res chain seq x y z
N THR A 1 -10.27 -2.70 -16.84
CA THR A 1 -10.82 -3.69 -15.87
C THR A 1 -10.25 -3.43 -14.47
N VAL A 2 -10.87 -2.55 -13.73
CA VAL A 2 -10.37 -2.25 -12.35
C VAL A 2 -10.81 -3.36 -11.38
N ILE A 3 -10.04 -4.41 -11.27
CA ILE A 3 -10.41 -5.52 -10.34
C ILE A 3 -10.21 -5.07 -8.89
N LYS A 4 -10.70 -5.84 -7.94
CA LYS A 4 -10.54 -5.44 -6.51
C LYS A 4 -9.88 -6.58 -5.71
N PHE A 5 -9.06 -6.25 -4.76
CA PHE A 5 -8.40 -7.30 -3.94
C PHE A 5 -8.47 -6.92 -2.46
N ARG A 6 -7.85 -7.68 -1.60
CA ARG A 6 -7.90 -7.36 -0.14
C ARG A 6 -6.49 -7.31 0.46
N ALA A 7 -6.09 -6.18 0.97
CA ALA A 7 -4.74 -6.07 1.59
C ALA A 7 -4.77 -5.03 2.71
N GLY A 8 -3.64 -4.48 3.07
CA GLY A 8 -3.61 -3.47 4.17
C GLY A 8 -2.60 -2.37 3.84
N VAL A 9 -2.66 -1.27 4.54
CA VAL A 9 -1.70 -0.15 4.29
C VAL A 9 -0.63 -0.14 5.39
N CYS A 10 -0.21 1.02 5.81
CA CYS A 10 0.82 1.10 6.89
C CYS A 10 0.84 2.52 7.49
N GLU A 11 0.36 2.68 8.69
CA GLU A 11 0.37 4.01 9.32
C GLU A 11 1.76 4.35 9.84
N TYR A 12 2.01 5.60 10.09
CA TYR A 12 3.35 6.01 10.59
C TYR A 12 3.21 6.82 11.88
N ASN A 13 4.12 6.66 12.80
CA ASN A 13 4.05 7.42 14.08
C ASN A 13 5.16 8.46 14.13
N GLU A 14 4.81 9.71 14.34
CA GLU A 14 5.85 10.77 14.40
C GLU A 14 6.58 10.73 15.75
N ASP A 15 5.93 10.21 16.76
CA ASP A 15 6.57 10.14 18.11
C ASP A 15 7.74 9.15 18.08
N SER A 16 7.65 8.13 17.27
CA SER A 16 8.75 7.12 17.20
C SER A 16 9.26 6.98 15.76
N ARG A 17 8.68 7.69 14.83
CA ARG A 17 9.14 7.60 13.41
C ARG A 17 9.16 6.14 12.97
N LEU A 18 8.05 5.46 13.03
CA LEU A 18 8.02 4.03 12.61
C LEU A 18 6.87 3.79 11.62
N CYS A 19 6.89 2.68 10.93
CA CYS A 19 5.80 2.39 9.95
C CYS A 19 5.16 1.03 10.27
N THR A 20 4.15 1.01 11.09
CA THR A 20 3.48 -0.27 11.45
C THR A 20 2.26 -0.49 10.56
N PRO A 21 1.74 -1.70 10.59
CA PRO A 21 0.54 -2.03 9.78
C PRO A 21 -0.71 -1.35 10.35
N ILE A 22 -1.60 -0.92 9.50
CA ILE A 22 -2.83 -0.25 9.99
C ILE A 22 -3.87 -1.30 10.41
N PRO A 23 -4.56 -1.03 11.48
CA PRO A 23 -5.59 -1.98 11.98
C PRO A 23 -6.74 -2.09 10.98
N VAL A 24 -6.88 -1.13 10.11
CA VAL A 24 -7.98 -1.19 9.11
C VAL A 24 -7.55 -2.07 7.92
N GLN A 25 -8.43 -2.90 7.42
CA GLN A 25 -8.06 -3.78 6.28
C GLN A 25 -8.27 -3.07 4.95
N GLY A 26 -9.43 -2.47 4.76
CA GLY A 26 -9.69 -1.77 3.47
C GLY A 26 -9.46 -2.74 2.30
N GLU A 27 -9.39 -2.25 1.09
CA GLU A 27 -9.15 -3.17 -0.06
C GLU A 27 -8.47 -2.42 -1.20
N ILE A 28 -7.83 -3.15 -2.08
CA ILE A 28 -7.12 -2.51 -3.22
C ILE A 28 -7.90 -2.74 -4.52
N GLU A 29 -7.51 -2.05 -5.56
CA GLU A 29 -8.20 -2.23 -6.88
C GLU A 29 -7.16 -2.43 -7.97
N ILE A 30 -7.11 -3.59 -8.56
CA ILE A 30 -6.12 -3.84 -9.65
C ILE A 30 -6.48 -3.00 -10.86
N LYS A 31 -5.57 -2.23 -11.38
CA LYS A 31 -5.90 -1.38 -12.56
C LYS A 31 -4.81 -1.49 -13.64
N PRO A 32 -5.23 -1.52 -14.88
CA PRO A 32 -4.29 -1.62 -16.00
C PRO A 32 -3.83 -0.23 -16.43
N ASN A 33 -3.33 0.55 -15.51
CA ASN A 33 -2.87 1.93 -15.83
C ASN A 33 -4.06 2.79 -16.29
N GLU A 34 -3.89 4.09 -16.31
CA GLU A 34 -5.01 4.98 -16.74
C GLU A 34 -5.51 4.61 -18.13
N GLU A 35 -4.62 4.24 -19.01
CA GLU A 35 -5.05 3.87 -20.40
C GLU A 35 -4.12 2.79 -20.97
N GLU A 36 -3.69 1.87 -20.16
CA GLU A 36 -2.78 0.78 -20.64
C GLU A 36 -1.58 1.38 -21.39
N GLU A 37 -0.93 2.34 -20.80
CA GLU A 37 0.24 2.97 -21.47
C GLU A 37 1.53 2.44 -20.85
N LEU A 38 1.57 2.31 -19.56
CA LEU A 38 2.80 1.79 -18.88
C LEU A 38 2.60 0.35 -18.42
N GLY A 39 1.41 -0.17 -18.55
CA GLY A 39 1.14 -1.57 -18.10
C GLY A 39 1.38 -1.65 -16.59
N PHE A 40 1.19 -0.56 -15.89
CA PHE A 40 1.40 -0.58 -14.41
C PHE A 40 0.11 -0.98 -13.70
N TRP A 41 0.15 -2.05 -12.95
CA TRP A 41 -1.09 -2.49 -12.24
C TRP A 41 -1.43 -1.52 -11.11
N ASP A 42 -1.98 -0.39 -11.44
CA ASP A 42 -2.34 0.62 -10.40
C ASP A 42 -3.23 -0.04 -9.34
N PHE A 43 -2.84 0.02 -8.09
CA PHE A 43 -3.67 -0.59 -7.02
C PHE A 43 -4.35 0.48 -6.21
N GLU A 44 -5.61 0.70 -6.46
CA GLU A 44 -6.36 1.74 -5.70
C GLU A 44 -6.88 1.17 -4.38
N TRP A 45 -6.44 1.72 -3.29
CA TRP A 45 -6.91 1.23 -1.96
C TRP A 45 -8.11 2.05 -1.50
N ARG A 46 -8.81 1.60 -0.50
CA ARG A 46 -10.00 2.38 -0.01
C ARG A 46 -10.64 1.71 1.21
N PRO A 47 -11.17 2.51 2.10
CA PRO A 47 -11.83 1.97 3.31
C PRO A 47 -13.16 1.33 2.93
N THR A 48 -13.13 0.15 2.36
CA THR A 48 -14.40 -0.53 1.99
C THR A 48 -14.55 -1.84 2.76
N GLU A 49 -13.69 -2.04 3.72
CA GLU A 49 -13.75 -3.27 4.54
C GLU A 49 -14.07 -2.92 5.99
N LYS A 50 -13.94 -3.85 6.89
CA LYS A 50 -14.24 -3.54 8.33
C LYS A 50 -13.03 -2.88 9.01
N PRO A 51 -13.19 -1.63 9.37
CA PRO A 51 -12.09 -0.89 10.03
C PRO A 51 -11.99 -1.29 11.51
N VAL A 52 -11.25 -0.54 12.28
CA VAL A 52 -11.11 -0.86 13.73
C VAL A 52 -10.91 0.43 14.54
N GLY A 53 -11.74 1.41 14.32
CA GLY A 53 -11.59 2.68 15.07
C GLY A 53 -10.66 3.64 14.32
N ARG A 54 -10.24 3.27 13.13
CA ARG A 54 -9.34 4.17 12.35
C ARG A 54 -9.94 4.45 10.97
N GLU A 55 -10.55 5.60 10.81
CA GLU A 55 -11.15 5.94 9.49
C GLU A 55 -10.07 6.26 8.46
N LEU A 56 -10.04 5.56 7.35
CA LEU A 56 -9.00 5.83 6.31
C LEU A 56 -9.66 6.30 5.02
N ASP A 57 -8.97 6.24 3.91
CA ASP A 57 -9.56 6.69 2.62
C ASP A 57 -8.86 5.99 1.45
N PRO A 58 -9.35 6.23 0.26
CA PRO A 58 -8.75 5.60 -0.95
C PRO A 58 -7.31 6.07 -1.18
N ILE A 59 -6.42 5.14 -1.41
CA ILE A 59 -5.00 5.50 -1.64
C ILE A 59 -4.52 4.88 -2.96
N SER A 60 -4.21 5.68 -3.94
CA SER A 60 -3.75 5.14 -5.24
C SER A 60 -2.35 4.52 -5.08
N LEU A 61 -2.23 3.23 -5.32
CA LEU A 61 -0.90 2.58 -5.17
C LEU A 61 -0.33 2.23 -6.55
N ILE A 62 0.96 2.28 -6.70
CA ILE A 62 1.57 1.95 -8.01
C ILE A 62 2.52 0.76 -7.88
N LEU A 63 2.74 0.04 -8.95
CA LEU A 63 3.65 -1.14 -8.87
C LEU A 63 4.66 -1.10 -10.03
N ILE A 64 5.86 -0.66 -9.77
CA ILE A 64 6.88 -0.59 -10.86
C ILE A 64 8.21 -1.20 -10.37
N PRO A 65 8.51 -2.37 -10.87
CA PRO A 65 9.78 -3.05 -10.48
C PRO A 65 10.99 -2.36 -11.10
N GLY A 66 10.77 -1.41 -11.99
CA GLY A 66 11.91 -0.71 -12.63
C GLY A 66 12.01 0.73 -12.11
N GLU A 67 11.17 1.10 -11.18
CA GLU A 67 11.22 2.49 -10.64
C GLU A 67 11.17 2.47 -9.10
N THR A 68 10.04 2.09 -8.55
CA THR A 68 9.92 2.05 -7.07
C THR A 68 10.58 0.77 -6.52
N MET A 69 11.47 0.91 -5.58
CA MET A 69 12.15 -0.29 -5.00
C MET A 69 11.17 -1.09 -4.15
N TRP A 70 11.18 -2.39 -4.28
CA TRP A 70 10.25 -3.23 -3.47
C TRP A 70 10.88 -3.57 -2.11
N VAL A 71 10.21 -3.23 -1.05
CA VAL A 71 10.76 -3.52 0.31
C VAL A 71 9.82 -4.45 1.07
N PRO A 72 9.99 -5.73 0.90
CA PRO A 72 9.14 -6.73 1.58
C PRO A 72 9.48 -6.79 3.07
N ILE A 73 10.73 -6.58 3.42
CA ILE A 73 11.12 -6.63 4.85
C ILE A 73 12.17 -5.54 5.15
N LYS A 74 12.04 -4.89 6.27
CA LYS A 74 13.02 -3.82 6.63
C LYS A 74 13.97 -4.31 7.71
N SER A 75 14.54 -5.49 7.52
CA SER A 75 15.49 -6.03 8.54
C SER A 75 14.83 -6.06 9.92
N SER A 76 15.58 -6.40 10.94
CA SER A 76 15.00 -6.43 12.32
C SER A 76 13.74 -7.29 12.34
N LYS A 77 12.99 -7.23 13.41
CA LYS A 77 11.73 -8.04 13.51
C LYS A 77 10.66 -7.44 12.59
N SER A 78 10.29 -8.14 11.55
CA SER A 78 9.25 -7.62 10.63
C SER A 78 8.50 -8.79 9.97
N GLY A 79 7.19 -8.78 10.05
CA GLY A 79 6.40 -9.88 9.43
C GLY A 79 6.53 -9.81 7.90
N ARG A 80 5.70 -9.01 7.27
CA ARG A 80 5.77 -8.90 5.78
C ARG A 80 5.05 -7.63 5.33
N ILE A 81 5.77 -6.55 5.16
CA ILE A 81 5.12 -5.29 4.70
C ILE A 81 5.68 -4.87 3.34
N PHE A 82 4.96 -5.12 2.29
CA PHE A 82 5.44 -4.74 0.93
C PHE A 82 5.38 -3.22 0.74
N ALA A 83 6.51 -2.58 0.73
CA ALA A 83 6.52 -1.09 0.55
C ALA A 83 7.27 -0.71 -0.73
N LEU A 84 6.72 0.16 -1.52
CA LEU A 84 7.40 0.58 -2.77
C LEU A 84 7.84 2.04 -2.68
N VAL A 85 9.13 2.29 -2.74
CA VAL A 85 9.62 3.69 -2.65
C VAL A 85 10.23 4.13 -3.98
N PHE A 86 9.89 5.29 -4.46
CA PHE A 86 10.46 5.78 -5.75
C PHE A 86 11.72 6.60 -5.50
N SER A 87 11.57 7.85 -5.12
CA SER A 87 12.77 8.70 -4.86
C SER A 87 12.34 10.04 -4.26
N SER A 88 11.27 10.60 -4.73
CA SER A 88 10.80 11.91 -4.19
C SER A 88 9.97 11.70 -2.92
N ASN A 89 8.71 11.38 -3.06
CA ASN A 89 7.86 11.16 -1.85
C ASN A 89 6.74 10.16 -2.14
N GLU A 90 6.87 9.41 -3.21
CA GLU A 90 5.81 8.41 -3.55
C GLU A 90 6.14 7.06 -2.90
N ARG A 91 6.44 7.05 -1.64
CA ARG A 91 6.78 5.77 -0.95
C ARG A 91 5.62 5.31 -0.07
N TYR A 92 4.96 4.24 -0.44
CA TYR A 92 3.83 3.73 0.38
C TYR A 92 4.17 2.38 0.99
N PHE A 93 3.55 2.02 2.07
CA PHE A 93 3.84 0.71 2.72
C PHE A 93 2.55 -0.13 2.79
N PHE A 94 2.65 -1.41 2.55
CA PHE A 94 1.44 -2.27 2.60
C PHE A 94 1.72 -3.56 3.36
N TRP A 95 0.71 -4.21 3.87
CA TRP A 95 0.92 -5.48 4.62
C TRP A 95 -0.29 -6.40 4.44
N LEU A 96 -0.07 -7.68 4.37
CA LEU A 96 -1.22 -8.63 4.19
C LEU A 96 -1.17 -9.71 5.28
N THR A 1 -9.72 -3.00 -17.09
CA THR A 1 -9.94 -4.10 -16.10
C THR A 1 -9.83 -3.56 -14.67
N VAL A 2 -10.92 -3.10 -14.12
CA VAL A 2 -10.89 -2.56 -12.73
C VAL A 2 -11.40 -3.61 -11.74
N ILE A 3 -10.53 -4.46 -11.26
CA ILE A 3 -10.96 -5.50 -10.29
C ILE A 3 -10.74 -5.01 -8.86
N LYS A 4 -11.15 -5.76 -7.88
CA LYS A 4 -10.96 -5.33 -6.47
C LYS A 4 -10.34 -6.47 -5.64
N PHE A 5 -9.32 -6.17 -4.89
CA PHE A 5 -8.68 -7.23 -4.04
C PHE A 5 -8.61 -6.76 -2.59
N ARG A 6 -7.98 -7.52 -1.74
CA ARG A 6 -7.90 -7.10 -0.31
C ARG A 6 -6.45 -7.10 0.18
N ALA A 7 -6.13 -6.24 1.11
CA ALA A 7 -4.74 -6.17 1.65
C ALA A 7 -4.69 -5.25 2.87
N GLY A 8 -3.55 -4.68 3.16
CA GLY A 8 -3.45 -3.77 4.34
C GLY A 8 -2.46 -2.65 4.06
N VAL A 9 -2.70 -1.49 4.58
CA VAL A 9 -1.77 -0.34 4.34
C VAL A 9 -0.68 -0.33 5.43
N CYS A 10 -0.29 0.84 5.89
CA CYS A 10 0.75 0.91 6.95
C CYS A 10 0.73 2.30 7.60
N GLU A 11 0.30 2.37 8.83
CA GLU A 11 0.25 3.69 9.53
C GLU A 11 1.66 4.10 9.97
N TYR A 12 1.88 5.36 10.12
CA TYR A 12 3.23 5.84 10.54
C TYR A 12 3.09 7.04 11.48
N ASN A 13 3.98 7.16 12.43
CA ASN A 13 3.91 8.31 13.38
C ASN A 13 5.22 9.09 13.37
N GLU A 14 5.14 10.40 13.32
CA GLU A 14 6.39 11.22 13.30
C GLU A 14 6.98 11.30 14.70
N ASP A 15 6.17 11.19 15.72
CA ASP A 15 6.68 11.26 17.11
C ASP A 15 7.75 10.19 17.34
N SER A 16 7.56 9.03 16.75
CA SER A 16 8.57 7.93 16.92
C SER A 16 9.11 7.50 15.56
N ARG A 17 8.61 8.07 14.50
CA ARG A 17 9.09 7.68 13.13
C ARG A 17 9.02 6.16 12.95
N LEU A 18 7.86 5.59 13.12
CA LEU A 18 7.72 4.12 12.97
C LEU A 18 6.70 3.78 11.87
N CYS A 19 6.75 2.59 11.34
CA CYS A 19 5.79 2.19 10.27
C CYS A 19 5.16 0.84 10.62
N THR A 20 4.04 0.86 11.29
CA THR A 20 3.37 -0.43 11.66
C THR A 20 2.18 -0.69 10.74
N PRO A 21 1.71 -1.92 10.75
CA PRO A 21 0.55 -2.30 9.91
C PRO A 21 -0.73 -1.67 10.47
N ILE A 22 -1.62 -1.25 9.60
CA ILE A 22 -2.88 -0.62 10.08
C ILE A 22 -3.90 -1.70 10.44
N PRO A 23 -4.56 -1.51 11.55
CA PRO A 23 -5.59 -2.49 11.99
C PRO A 23 -6.86 -2.33 11.16
N VAL A 24 -6.75 -2.37 9.87
CA VAL A 24 -7.96 -2.22 9.00
C VAL A 24 -7.75 -3.00 7.69
N GLN A 25 -8.54 -4.00 7.45
CA GLN A 25 -8.38 -4.80 6.21
C GLN A 25 -9.15 -4.14 5.05
N GLY A 26 -8.74 -2.96 4.65
CA GLY A 26 -9.43 -2.27 3.53
C GLY A 26 -9.31 -3.13 2.26
N GLU A 27 -9.52 -2.57 1.10
CA GLU A 27 -9.40 -3.38 -0.14
C GLU A 27 -8.73 -2.59 -1.26
N ILE A 28 -8.12 -3.29 -2.17
CA ILE A 28 -7.40 -2.64 -3.30
C ILE A 28 -8.21 -2.77 -4.60
N GLU A 29 -7.82 -2.07 -5.63
CA GLU A 29 -8.54 -2.17 -6.93
C GLU A 29 -7.51 -2.30 -8.06
N ILE A 30 -7.58 -3.36 -8.81
CA ILE A 30 -6.60 -3.56 -9.93
C ILE A 30 -6.89 -2.55 -11.04
N LYS A 31 -5.90 -1.81 -11.47
CA LYS A 31 -6.14 -0.80 -12.54
C LYS A 31 -5.01 -0.90 -13.59
N PRO A 32 -5.37 -1.14 -14.83
CA PRO A 32 -4.37 -1.26 -15.91
C PRO A 32 -3.99 0.12 -16.43
N ASN A 33 -3.62 1.00 -15.54
CA ASN A 33 -3.23 2.39 -15.95
C ASN A 33 -4.43 3.09 -16.61
N GLU A 34 -4.50 4.39 -16.49
CA GLU A 34 -5.64 5.14 -17.10
C GLU A 34 -5.77 4.78 -18.58
N GLU A 35 -4.68 4.37 -19.19
CA GLU A 35 -4.74 3.99 -20.63
C GLU A 35 -4.02 2.65 -20.85
N GLU A 36 -3.51 2.42 -22.03
CA GLU A 36 -2.79 1.14 -22.29
C GLU A 36 -1.38 1.44 -22.80
N GLU A 37 -0.64 2.26 -22.08
CA GLU A 37 0.74 2.61 -22.53
C GLU A 37 1.76 1.88 -21.66
N LEU A 38 1.48 1.72 -20.39
CA LEU A 38 2.44 1.02 -19.49
C LEU A 38 1.80 -0.25 -18.92
N GLY A 39 0.51 -0.41 -19.08
CA GLY A 39 -0.16 -1.62 -18.51
C GLY A 39 0.12 -1.69 -17.01
N PHE A 40 0.34 -0.55 -16.40
CA PHE A 40 0.62 -0.54 -14.93
C PHE A 40 -0.64 -0.95 -14.16
N TRP A 41 -0.56 -2.04 -13.42
CA TRP A 41 -1.75 -2.48 -12.65
C TRP A 41 -1.85 -1.69 -11.34
N ASP A 42 -2.15 -0.42 -11.44
CA ASP A 42 -2.28 0.41 -10.21
C ASP A 42 -3.26 -0.23 -9.22
N PHE A 43 -2.93 -0.22 -7.97
CA PHE A 43 -3.85 -0.83 -6.96
C PHE A 43 -4.49 0.27 -6.13
N GLU A 44 -5.72 0.57 -6.42
CA GLU A 44 -6.43 1.64 -5.66
C GLU A 44 -6.98 1.07 -4.36
N TRP A 45 -6.58 1.62 -3.25
CA TRP A 45 -7.08 1.11 -1.94
C TRP A 45 -8.31 1.93 -1.50
N ARG A 46 -8.98 1.53 -0.46
CA ARG A 46 -10.19 2.30 -0.01
C ARG A 46 -10.75 1.72 1.30
N PRO A 47 -11.28 2.58 2.12
CA PRO A 47 -11.88 2.13 3.41
C PRO A 47 -13.23 1.46 3.14
N THR A 48 -13.23 0.22 2.72
CA THR A 48 -14.52 -0.47 2.46
C THR A 48 -14.67 -1.67 3.39
N GLU A 49 -13.74 -1.81 4.29
CA GLU A 49 -13.78 -2.93 5.26
C GLU A 49 -14.30 -2.44 6.61
N LYS A 50 -14.36 -3.31 7.59
CA LYS A 50 -14.86 -2.88 8.93
C LYS A 50 -13.67 -2.61 9.86
N PRO A 51 -13.45 -1.35 10.16
CA PRO A 51 -12.32 -0.97 11.05
C PRO A 51 -12.72 -1.13 12.52
N VAL A 52 -11.75 -1.06 13.39
CA VAL A 52 -12.05 -1.21 14.86
C VAL A 52 -11.79 0.13 15.55
N GLY A 53 -12.08 1.22 14.90
CA GLY A 53 -11.84 2.55 15.52
C GLY A 53 -10.79 3.32 14.72
N ARG A 54 -10.52 2.90 13.51
CA ARG A 54 -9.49 3.60 12.68
C ARG A 54 -10.06 3.91 11.30
N GLU A 55 -10.42 5.14 11.06
CA GLU A 55 -10.98 5.51 9.72
C GLU A 55 -9.84 5.72 8.71
N LEU A 56 -10.03 5.27 7.50
CA LEU A 56 -8.96 5.44 6.47
C LEU A 56 -9.55 6.02 5.18
N ASP A 57 -8.78 6.00 4.12
CA ASP A 57 -9.28 6.55 2.82
C ASP A 57 -8.59 5.84 1.65
N PRO A 58 -9.14 6.03 0.48
CA PRO A 58 -8.56 5.38 -0.73
C PRO A 58 -7.13 5.83 -0.98
N ILE A 59 -6.27 4.89 -1.31
CA ILE A 59 -4.84 5.20 -1.57
C ILE A 59 -4.41 4.58 -2.90
N SER A 60 -4.09 5.38 -3.87
CA SER A 60 -3.66 4.82 -5.19
C SER A 60 -2.30 4.16 -5.05
N LEU A 61 -2.24 2.86 -5.27
CA LEU A 61 -0.92 2.16 -5.16
C LEU A 61 -0.41 1.80 -6.54
N ILE A 62 0.88 1.65 -6.69
CA ILE A 62 1.45 1.31 -8.02
C ILE A 62 2.31 0.05 -7.89
N LEU A 63 2.43 -0.69 -8.96
CA LEU A 63 3.25 -1.94 -8.91
C LEU A 63 4.34 -1.89 -9.97
N ILE A 64 5.44 -1.25 -9.68
CA ILE A 64 6.55 -1.16 -10.68
C ILE A 64 7.88 -1.53 -10.02
N PRO A 65 8.38 -2.71 -10.34
CA PRO A 65 9.67 -3.16 -9.75
C PRO A 65 10.84 -2.39 -10.40
N GLY A 66 10.89 -1.10 -10.22
CA GLY A 66 11.99 -0.31 -10.81
C GLY A 66 11.82 1.17 -10.44
N GLU A 67 10.64 1.70 -10.58
CA GLU A 67 10.40 3.12 -10.24
C GLU A 67 10.71 3.38 -8.76
N THR A 68 9.83 2.99 -7.88
CA THR A 68 10.08 3.20 -6.42
C THR A 68 11.19 2.25 -5.95
N MET A 69 11.19 1.90 -4.69
CA MET A 69 12.24 0.98 -4.17
C MET A 69 11.63 -0.05 -3.21
N TRP A 70 11.38 -1.25 -3.68
CA TRP A 70 10.79 -2.29 -2.80
C TRP A 70 11.85 -2.85 -1.85
N VAL A 71 11.55 -2.93 -0.58
CA VAL A 71 12.54 -3.46 0.40
C VAL A 71 11.84 -4.32 1.46
N PRO A 72 12.41 -5.48 1.72
CA PRO A 72 11.82 -6.39 2.73
C PRO A 72 12.05 -5.86 4.14
N ILE A 73 11.25 -6.28 5.09
CA ILE A 73 11.43 -5.80 6.48
C ILE A 73 11.82 -6.98 7.40
N LYS A 74 12.95 -6.88 8.03
CA LYS A 74 13.39 -7.99 8.93
C LYS A 74 12.98 -7.69 10.38
N SER A 75 11.74 -7.35 10.59
CA SER A 75 11.27 -7.05 11.98
C SER A 75 10.11 -7.98 12.36
N SER A 76 9.77 -8.90 11.52
CA SER A 76 8.64 -9.83 11.84
C SER A 76 8.61 -10.99 10.85
N LYS A 77 8.69 -12.20 11.34
CA LYS A 77 8.67 -13.38 10.42
C LYS A 77 7.31 -13.49 9.73
N SER A 78 6.27 -13.09 10.40
CA SER A 78 4.91 -13.16 9.78
C SER A 78 4.41 -11.75 9.42
N GLY A 79 3.33 -11.67 8.70
CA GLY A 79 2.80 -10.33 8.32
C GLY A 79 3.56 -9.79 7.11
N ARG A 80 4.83 -9.51 7.28
CA ARG A 80 5.64 -8.99 6.14
C ARG A 80 5.10 -7.64 5.66
N ILE A 81 5.97 -6.70 5.43
CA ILE A 81 5.50 -5.35 4.97
C ILE A 81 6.36 -4.87 3.80
N PHE A 82 5.78 -4.75 2.63
CA PHE A 82 6.57 -4.28 1.45
C PHE A 82 6.78 -2.76 1.54
N ALA A 83 8.00 -2.33 1.69
CA ALA A 83 8.27 -0.87 1.79
C ALA A 83 8.74 -0.31 0.44
N LEU A 84 7.94 0.48 -0.20
CA LEU A 84 8.33 1.07 -1.51
C LEU A 84 8.78 2.53 -1.32
N VAL A 85 10.01 2.83 -1.65
CA VAL A 85 10.50 4.22 -1.49
C VAL A 85 10.80 4.85 -2.85
N PHE A 86 10.31 6.04 -3.08
CA PHE A 86 10.56 6.73 -4.38
C PHE A 86 11.68 7.76 -4.24
N SER A 87 11.47 8.73 -3.40
CA SER A 87 12.50 9.79 -3.21
C SER A 87 12.53 10.22 -1.73
N SER A 88 11.40 10.55 -1.17
CA SER A 88 11.37 10.97 0.27
C SER A 88 9.94 11.28 0.71
N ASN A 89 9.10 11.72 -0.19
CA ASN A 89 7.70 12.05 0.20
C ASN A 89 6.69 11.13 -0.51
N GLU A 90 7.16 10.08 -1.14
CA GLU A 90 6.23 9.16 -1.85
C GLU A 90 6.51 7.71 -1.45
N ARG A 91 6.86 7.48 -0.22
CA ARG A 91 7.15 6.10 0.24
C ARG A 91 5.91 5.48 0.89
N TYR A 92 5.32 4.50 0.26
CA TYR A 92 4.11 3.85 0.84
C TYR A 92 4.46 2.47 1.40
N PHE A 93 3.87 2.10 2.50
CA PHE A 93 4.16 0.76 3.10
C PHE A 93 2.88 -0.06 3.18
N PHE A 94 2.94 -1.32 2.82
CA PHE A 94 1.72 -2.18 2.88
C PHE A 94 2.05 -3.53 3.52
N TRP A 95 1.05 -4.31 3.81
CA TRP A 95 1.31 -5.65 4.44
C TRP A 95 0.12 -6.58 4.21
N LEU A 96 0.23 -7.82 4.62
CA LEU A 96 -0.90 -8.77 4.43
C LEU A 96 -1.63 -9.01 5.76
N THR A 1 -8.73 -4.82 -16.64
CA THR A 1 -8.83 -5.51 -15.32
C THR A 1 -9.04 -4.49 -14.20
N VAL A 2 -10.27 -4.15 -13.92
CA VAL A 2 -10.56 -3.16 -12.85
C VAL A 2 -11.25 -3.86 -11.67
N ILE A 3 -10.60 -4.84 -11.08
CA ILE A 3 -11.23 -5.58 -9.94
C ILE A 3 -10.63 -5.10 -8.62
N LYS A 4 -11.13 -5.57 -7.50
CA LYS A 4 -10.59 -5.11 -6.19
C LYS A 4 -10.05 -6.30 -5.38
N PHE A 5 -8.95 -6.13 -4.71
CA PHE A 5 -8.37 -7.23 -3.89
C PHE A 5 -8.43 -6.87 -2.41
N ARG A 6 -7.96 -7.73 -1.55
CA ARG A 6 -8.00 -7.43 -0.09
C ARG A 6 -6.58 -7.26 0.45
N ALA A 7 -6.31 -6.18 1.13
CA ALA A 7 -4.95 -5.95 1.69
C ALA A 7 -5.01 -4.87 2.78
N GLY A 8 -3.88 -4.28 3.10
CA GLY A 8 -3.87 -3.23 4.15
C GLY A 8 -2.75 -2.23 3.87
N VAL A 9 -2.82 -1.08 4.49
CA VAL A 9 -1.75 -0.05 4.28
C VAL A 9 -0.69 -0.14 5.38
N CYS A 10 -0.22 0.97 5.88
CA CYS A 10 0.80 0.94 6.97
C CYS A 10 0.73 2.24 7.77
N GLU A 11 0.24 2.17 8.98
CA GLU A 11 0.14 3.40 9.82
C GLU A 11 1.51 3.74 10.41
N TYR A 12 1.94 4.96 10.24
CA TYR A 12 3.27 5.37 10.78
C TYR A 12 3.09 6.52 11.78
N ASN A 13 4.03 6.70 12.66
CA ASN A 13 3.92 7.80 13.66
C ASN A 13 5.17 8.69 13.62
N GLU A 14 4.99 9.99 13.66
CA GLU A 14 6.15 10.91 13.63
C GLU A 14 6.75 11.06 15.04
N ASP A 15 5.96 10.84 16.05
CA ASP A 15 6.47 10.97 17.44
C ASP A 15 7.48 9.85 17.73
N SER A 16 7.24 8.69 17.19
CA SER A 16 8.17 7.54 17.43
C SER A 16 8.76 7.04 16.11
N ARG A 17 8.36 7.62 14.99
CA ARG A 17 8.89 7.16 13.68
C ARG A 17 8.74 5.65 13.54
N LEU A 18 7.55 5.15 13.69
CA LEU A 18 7.33 3.68 13.59
C LEU A 18 6.60 3.32 12.29
N CYS A 19 6.79 2.12 11.81
CA CYS A 19 6.11 1.71 10.54
C CYS A 19 5.31 0.42 10.77
N THR A 20 4.23 0.51 11.49
CA THR A 20 3.40 -0.71 11.75
C THR A 20 2.23 -0.77 10.77
N PRO A 21 1.62 -1.93 10.69
CA PRO A 21 0.46 -2.12 9.77
C PRO A 21 -0.78 -1.42 10.34
N ILE A 22 -1.69 -1.02 9.48
CA ILE A 22 -2.92 -0.34 9.98
C ILE A 22 -3.92 -1.41 10.43
N PRO A 23 -4.61 -1.12 11.51
CA PRO A 23 -5.61 -2.07 12.05
C PRO A 23 -6.80 -2.20 11.08
N VAL A 24 -6.92 -1.28 10.16
CA VAL A 24 -8.04 -1.37 9.17
C VAL A 24 -7.58 -2.09 7.91
N GLN A 25 -8.13 -3.24 7.63
CA GLN A 25 -7.72 -3.99 6.42
C GLN A 25 -8.54 -3.54 5.20
N GLY A 26 -8.31 -2.36 4.70
CA GLY A 26 -9.09 -1.87 3.53
C GLY A 26 -8.86 -2.81 2.34
N GLU A 27 -9.12 -2.36 1.15
CA GLU A 27 -8.92 -3.24 -0.03
C GLU A 27 -8.28 -2.47 -1.19
N ILE A 28 -7.70 -3.18 -2.12
CA ILE A 28 -7.05 -2.52 -3.28
C ILE A 28 -7.90 -2.65 -4.54
N GLU A 29 -7.55 -1.97 -5.59
CA GLU A 29 -8.31 -2.06 -6.85
C GLU A 29 -7.34 -2.35 -8.00
N ILE A 30 -7.33 -3.56 -8.50
CA ILE A 30 -6.41 -3.90 -9.61
C ILE A 30 -6.86 -3.14 -10.87
N LYS A 31 -5.97 -2.40 -11.49
CA LYS A 31 -6.37 -1.63 -12.70
C LYS A 31 -5.30 -1.72 -13.79
N PRO A 32 -5.70 -1.41 -15.00
CA PRO A 32 -4.78 -1.46 -16.15
C PRO A 32 -4.14 -0.09 -16.37
N ASN A 33 -3.51 0.46 -15.36
CA ASN A 33 -2.86 1.80 -15.50
C ASN A 33 -3.92 2.85 -15.86
N GLU A 34 -3.53 4.10 -15.91
CA GLU A 34 -4.52 5.17 -16.24
C GLU A 34 -5.15 4.93 -17.62
N GLU A 35 -4.35 5.01 -18.65
CA GLU A 35 -4.90 4.79 -20.03
C GLU A 35 -4.17 3.64 -20.72
N GLU A 36 -3.82 2.61 -19.98
CA GLU A 36 -3.12 1.44 -20.59
C GLU A 36 -1.90 1.91 -21.39
N GLU A 37 -1.08 2.74 -20.81
CA GLU A 37 0.13 3.24 -21.54
C GLU A 37 1.42 2.81 -20.82
N LEU A 38 1.34 2.56 -19.53
CA LEU A 38 2.57 2.12 -18.79
C LEU A 38 2.44 0.64 -18.41
N GLY A 39 1.28 0.08 -18.55
CA GLY A 39 1.10 -1.35 -18.18
C GLY A 39 1.30 -1.51 -16.67
N PHE A 40 1.03 -0.46 -15.92
CA PHE A 40 1.21 -0.55 -14.44
C PHE A 40 -0.11 -0.98 -13.79
N TRP A 41 -0.10 -2.06 -13.05
CA TRP A 41 -1.35 -2.51 -12.38
C TRP A 41 -1.77 -1.48 -11.32
N ASP A 42 -2.41 -0.43 -11.72
CA ASP A 42 -2.83 0.61 -10.73
C ASP A 42 -3.63 -0.04 -9.61
N PHE A 43 -3.15 0.06 -8.39
CA PHE A 43 -3.89 -0.54 -7.26
C PHE A 43 -4.50 0.57 -6.42
N GLU A 44 -5.76 0.78 -6.58
CA GLU A 44 -6.44 1.85 -5.79
C GLU A 44 -6.94 1.28 -4.47
N TRP A 45 -6.53 1.85 -3.37
CA TRP A 45 -6.97 1.35 -2.05
C TRP A 45 -8.23 2.10 -1.61
N ARG A 46 -8.83 1.71 -0.51
CA ARG A 46 -10.07 2.41 -0.04
C ARG A 46 -10.61 1.78 1.23
N PRO A 47 -11.19 2.60 2.08
CA PRO A 47 -11.76 2.09 3.34
C PRO A 47 -13.07 1.36 3.06
N THR A 48 -13.00 0.14 2.59
CA THR A 48 -14.25 -0.63 2.29
C THR A 48 -14.29 -1.87 3.17
N GLU A 49 -13.42 -1.94 4.12
CA GLU A 49 -13.38 -3.10 5.04
C GLU A 49 -14.07 -2.74 6.36
N LYS A 50 -13.94 -3.58 7.36
CA LYS A 50 -14.57 -3.25 8.68
C LYS A 50 -13.54 -2.62 9.61
N PRO A 51 -13.70 -1.34 9.87
CA PRO A 51 -12.74 -0.62 10.75
C PRO A 51 -13.08 -0.85 12.22
N VAL A 52 -12.34 -0.24 13.11
CA VAL A 52 -12.60 -0.40 14.57
C VAL A 52 -12.23 0.88 15.30
N GLY A 53 -12.35 2.00 14.65
CA GLY A 53 -12.00 3.30 15.28
C GLY A 53 -10.99 4.06 14.41
N ARG A 54 -10.62 3.51 13.28
CA ARG A 54 -9.65 4.21 12.39
C ARG A 54 -10.25 4.42 11.00
N GLU A 55 -10.72 5.59 10.72
CA GLU A 55 -11.33 5.86 9.37
C GLU A 55 -10.23 6.25 8.37
N LEU A 56 -9.98 5.42 7.39
CA LEU A 56 -8.93 5.75 6.39
C LEU A 56 -9.57 6.22 5.08
N ASP A 57 -8.82 6.22 4.00
CA ASP A 57 -9.36 6.65 2.69
C ASP A 57 -8.60 5.97 1.56
N PRO A 58 -9.16 6.01 0.37
CA PRO A 58 -8.52 5.36 -0.81
C PRO A 58 -7.13 5.94 -1.09
N ILE A 59 -6.26 5.09 -1.57
CA ILE A 59 -4.86 5.52 -1.87
C ILE A 59 -4.43 4.92 -3.21
N SER A 60 -4.13 5.74 -4.19
CA SER A 60 -3.69 5.19 -5.50
C SER A 60 -2.31 4.56 -5.38
N LEU A 61 -2.21 3.28 -5.63
CA LEU A 61 -0.88 2.60 -5.51
C LEU A 61 -0.30 2.32 -6.89
N ILE A 62 0.99 2.44 -7.05
CA ILE A 62 1.61 2.18 -8.37
C ILE A 62 2.50 0.92 -8.29
N LEU A 63 2.47 0.10 -9.30
CA LEU A 63 3.30 -1.14 -9.29
C LEU A 63 4.23 -1.16 -10.49
N ILE A 64 5.45 -0.72 -10.32
CA ILE A 64 6.41 -0.73 -11.47
C ILE A 64 7.72 -1.40 -11.04
N PRO A 65 8.03 -2.51 -11.69
CA PRO A 65 9.28 -3.24 -11.37
C PRO A 65 10.50 -2.48 -11.89
N GLY A 66 10.76 -1.32 -11.36
CA GLY A 66 11.93 -0.52 -11.82
C GLY A 66 11.85 0.89 -11.23
N GLU A 67 10.75 1.57 -11.42
CA GLU A 67 10.62 2.95 -10.87
C GLU A 67 10.74 2.93 -9.34
N THR A 68 9.69 2.59 -8.65
CA THR A 68 9.74 2.55 -7.16
C THR A 68 10.29 1.19 -6.69
N MET A 69 11.45 1.19 -6.10
CA MET A 69 12.04 -0.10 -5.62
C MET A 69 11.24 -0.64 -4.43
N TRP A 70 11.19 -1.94 -4.29
CA TRP A 70 10.42 -2.53 -3.14
C TRP A 70 11.40 -3.19 -2.16
N VAL A 71 11.12 -3.07 -0.88
CA VAL A 71 12.02 -3.69 0.14
C VAL A 71 11.21 -4.54 1.11
N PRO A 72 11.27 -5.84 0.93
CA PRO A 72 10.53 -6.76 1.82
C PRO A 72 11.19 -6.81 3.20
N ILE A 73 10.69 -6.06 4.14
CA ILE A 73 11.29 -6.07 5.51
C ILE A 73 11.19 -7.47 6.12
N LYS A 74 11.89 -7.72 7.18
CA LYS A 74 11.83 -9.07 7.83
C LYS A 74 10.40 -9.40 8.22
N SER A 75 10.05 -10.66 8.21
CA SER A 75 8.66 -11.06 8.58
C SER A 75 8.35 -10.63 10.02
N SER A 76 9.15 -11.07 10.97
CA SER A 76 8.92 -10.70 12.39
C SER A 76 7.46 -10.95 12.79
N LYS A 77 6.98 -10.25 13.79
CA LYS A 77 5.56 -10.45 14.22
C LYS A 77 4.68 -9.35 13.64
N SER A 78 4.78 -9.11 12.36
CA SER A 78 3.94 -8.05 11.73
C SER A 78 3.01 -8.66 10.68
N GLY A 79 3.54 -9.00 9.53
CA GLY A 79 2.70 -9.61 8.47
C GLY A 79 3.31 -9.32 7.09
N ARG A 80 4.60 -9.43 6.98
CA ARG A 80 5.28 -9.17 5.66
C ARG A 80 4.82 -7.82 5.09
N ILE A 81 5.47 -6.75 5.46
CA ILE A 81 5.07 -5.41 4.93
C ILE A 81 5.90 -5.07 3.69
N PHE A 82 5.26 -4.84 2.58
CA PHE A 82 6.00 -4.50 1.33
C PHE A 82 6.33 -3.01 1.32
N ALA A 83 7.58 -2.66 1.45
CA ALA A 83 7.97 -1.22 1.44
C ALA A 83 8.33 -0.76 0.03
N LEU A 84 7.40 -0.14 -0.65
CA LEU A 84 7.68 0.33 -2.04
C LEU A 84 8.15 1.79 -2.00
N VAL A 85 9.42 2.03 -2.19
CA VAL A 85 9.93 3.42 -2.16
C VAL A 85 10.89 3.68 -3.33
N PHE A 86 11.02 4.90 -3.75
CA PHE A 86 11.93 5.23 -4.89
C PHE A 86 13.05 6.16 -4.41
N SER A 87 12.72 7.39 -4.12
CA SER A 87 13.77 8.35 -3.65
C SER A 87 13.25 9.12 -2.43
N SER A 88 12.28 9.96 -2.62
CA SER A 88 11.73 10.75 -1.48
C SER A 88 10.40 11.38 -1.87
N ASN A 89 9.66 10.75 -2.74
CA ASN A 89 8.34 11.33 -3.16
C ASN A 89 7.27 10.24 -3.19
N GLU A 90 7.60 9.07 -3.65
CA GLU A 90 6.59 7.96 -3.70
C GLU A 90 7.02 6.81 -2.79
N ARG A 91 6.66 6.87 -1.55
CA ARG A 91 7.04 5.76 -0.61
C ARG A 91 5.81 5.24 0.14
N TYR A 92 5.39 4.05 -0.16
CA TYR A 92 4.19 3.48 0.53
C TYR A 92 4.50 2.11 1.13
N PHE A 93 3.80 1.73 2.15
CA PHE A 93 4.03 0.40 2.79
C PHE A 93 2.70 -0.35 2.92
N PHE A 94 2.66 -1.60 2.52
CA PHE A 94 1.39 -2.37 2.61
C PHE A 94 1.61 -3.68 3.38
N TRP A 95 0.55 -4.27 3.87
CA TRP A 95 0.70 -5.56 4.61
C TRP A 95 -0.55 -6.42 4.41
N LEU A 96 -0.41 -7.72 4.45
CA LEU A 96 -1.59 -8.62 4.25
C LEU A 96 -1.66 -9.65 5.38
N THR A 1 -9.37 -3.05 -16.65
CA THR A 1 -10.16 -3.88 -15.70
C THR A 1 -9.96 -3.38 -14.26
N VAL A 2 -10.74 -2.43 -13.84
CA VAL A 2 -10.60 -1.90 -12.46
C VAL A 2 -11.16 -2.92 -11.45
N ILE A 3 -10.50 -4.04 -11.29
CA ILE A 3 -11.00 -5.08 -10.34
C ILE A 3 -10.77 -4.59 -8.89
N LYS A 4 -11.38 -5.23 -7.94
CA LYS A 4 -11.22 -4.81 -6.52
C LYS A 4 -10.69 -5.98 -5.68
N PHE A 5 -9.80 -5.69 -4.76
CA PHE A 5 -9.25 -6.78 -3.89
C PHE A 5 -9.22 -6.32 -2.43
N ARG A 6 -8.66 -7.10 -1.55
CA ARG A 6 -8.61 -6.70 -0.11
C ARG A 6 -7.19 -6.82 0.44
N ALA A 7 -6.60 -5.71 0.82
CA ALA A 7 -5.23 -5.75 1.38
C ALA A 7 -5.14 -4.81 2.58
N GLY A 8 -3.94 -4.41 2.97
CA GLY A 8 -3.81 -3.49 4.13
C GLY A 8 -2.74 -2.45 3.86
N VAL A 9 -2.82 -1.32 4.50
CA VAL A 9 -1.81 -0.24 4.29
C VAL A 9 -0.73 -0.33 5.39
N CYS A 10 -0.25 0.79 5.87
CA CYS A 10 0.78 0.75 6.95
C CYS A 10 0.87 2.11 7.64
N GLU A 11 0.38 2.22 8.84
CA GLU A 11 0.44 3.52 9.57
C GLU A 11 1.85 3.74 10.14
N TYR A 12 2.15 4.95 10.49
CA TYR A 12 3.49 5.25 11.06
C TYR A 12 3.34 6.05 12.35
N ASN A 13 4.26 5.90 13.26
CA ASN A 13 4.17 6.64 14.55
C ASN A 13 5.31 7.66 14.65
N GLU A 14 4.99 8.90 14.86
CA GLU A 14 6.04 9.94 14.98
C GLU A 14 6.73 9.86 16.35
N ASP A 15 6.04 9.35 17.32
CA ASP A 15 6.64 9.24 18.68
C ASP A 15 7.83 8.26 18.65
N SER A 16 7.75 7.24 17.86
CA SER A 16 8.86 6.26 17.77
C SER A 16 9.44 6.22 16.35
N ARG A 17 8.84 6.92 15.42
CA ARG A 17 9.36 6.92 14.02
C ARG A 17 9.45 5.48 13.50
N LEU A 18 8.36 4.78 13.46
CA LEU A 18 8.39 3.37 12.96
C LEU A 18 7.15 3.08 12.11
N CYS A 19 7.22 2.07 11.28
CA CYS A 19 6.05 1.72 10.42
C CYS A 19 5.40 0.43 10.92
N THR A 20 4.13 0.28 10.72
CA THR A 20 3.44 -0.95 11.18
C THR A 20 2.17 -1.20 10.35
N PRO A 21 1.66 -2.40 10.43
CA PRO A 21 0.44 -2.76 9.67
C PRO A 21 -0.78 -2.07 10.30
N ILE A 22 -1.65 -1.54 9.48
CA ILE A 22 -2.85 -0.85 10.02
C ILE A 22 -3.95 -1.88 10.34
N PRO A 23 -4.59 -1.71 11.47
CA PRO A 23 -5.66 -2.64 11.88
C PRO A 23 -6.93 -2.39 11.05
N VAL A 24 -6.82 -2.42 9.74
CA VAL A 24 -8.01 -2.19 8.89
C VAL A 24 -7.79 -2.80 7.50
N GLN A 25 -8.56 -3.79 7.13
CA GLN A 25 -8.38 -4.42 5.80
C GLN A 25 -9.12 -3.61 4.72
N GLY A 26 -8.61 -2.46 4.39
CA GLY A 26 -9.28 -1.60 3.36
C GLY A 26 -9.38 -2.38 2.04
N GLU A 27 -9.70 -1.71 0.98
CA GLU A 27 -9.83 -2.44 -0.33
C GLU A 27 -9.01 -1.79 -1.43
N ILE A 28 -8.38 -2.61 -2.20
CA ILE A 28 -7.55 -2.12 -3.33
C ILE A 28 -8.32 -2.28 -4.65
N GLU A 29 -7.88 -1.61 -5.68
CA GLU A 29 -8.55 -1.74 -7.00
C GLU A 29 -7.51 -2.05 -8.07
N ILE A 30 -7.52 -3.25 -8.60
CA ILE A 30 -6.51 -3.62 -9.63
C ILE A 30 -6.78 -2.85 -10.93
N LYS A 31 -5.82 -2.07 -11.37
CA LYS A 31 -6.01 -1.30 -12.63
C LYS A 31 -4.81 -1.50 -13.55
N PRO A 32 -5.00 -2.24 -14.62
CA PRO A 32 -3.91 -2.51 -15.57
C PRO A 32 -3.76 -1.35 -16.56
N ASN A 33 -3.68 -0.15 -16.04
CA ASN A 33 -3.54 1.05 -16.92
C ASN A 33 -4.77 1.19 -17.82
N GLU A 34 -5.21 2.41 -18.05
CA GLU A 34 -6.40 2.62 -18.92
C GLU A 34 -6.19 1.92 -20.27
N GLU A 35 -4.97 1.79 -20.69
CA GLU A 35 -4.68 1.10 -21.99
C GLU A 35 -3.62 0.02 -21.77
N GLU A 36 -2.85 -0.28 -22.78
CA GLU A 36 -1.79 -1.32 -22.64
C GLU A 36 -0.43 -0.73 -23.00
N GLU A 37 -0.08 0.38 -22.39
CA GLU A 37 1.24 1.02 -22.70
C GLU A 37 2.25 0.69 -21.61
N LEU A 38 1.82 0.69 -20.37
CA LEU A 38 2.76 0.37 -19.26
C LEU A 38 2.30 -0.88 -18.51
N GLY A 39 1.06 -1.27 -18.69
CA GLY A 39 0.56 -2.48 -17.98
C GLY A 39 0.68 -2.22 -16.47
N PHE A 40 0.65 -0.96 -16.07
CA PHE A 40 0.78 -0.64 -14.62
C PHE A 40 -0.50 -1.05 -13.89
N TRP A 41 -0.38 -1.95 -12.94
CA TRP A 41 -1.59 -2.39 -12.19
C TRP A 41 -1.89 -1.42 -11.04
N ASP A 42 -2.35 -0.24 -11.37
CA ASP A 42 -2.68 0.76 -10.31
C ASP A 42 -3.61 0.14 -9.25
N PHE A 43 -3.21 0.15 -8.02
CA PHE A 43 -4.08 -0.43 -6.96
C PHE A 43 -4.71 0.69 -6.14
N GLU A 44 -5.95 0.96 -6.39
CA GLU A 44 -6.66 2.04 -5.64
C GLU A 44 -7.22 1.49 -4.33
N TRP A 45 -6.81 2.05 -3.23
CA TRP A 45 -7.28 1.57 -1.91
C TRP A 45 -8.46 2.44 -1.44
N ARG A 46 -9.30 1.96 -0.54
CA ARG A 46 -10.44 2.80 -0.08
C ARG A 46 -11.05 2.25 1.22
N PRO A 47 -11.45 3.14 2.10
CA PRO A 47 -12.06 2.71 3.38
C PRO A 47 -13.45 2.12 3.14
N THR A 48 -13.52 0.88 2.75
CA THR A 48 -14.86 0.25 2.51
C THR A 48 -14.96 -1.06 3.29
N GLU A 49 -13.99 -1.33 4.11
CA GLU A 49 -14.01 -2.58 4.92
C GLU A 49 -14.47 -2.27 6.35
N LYS A 50 -14.35 -3.21 7.25
CA LYS A 50 -14.77 -2.95 8.66
C LYS A 50 -13.54 -2.60 9.51
N PRO A 51 -13.44 -1.37 9.91
CA PRO A 51 -12.29 -0.92 10.72
C PRO A 51 -12.53 -1.21 12.21
N VAL A 52 -11.61 -0.84 13.05
CA VAL A 52 -11.77 -1.07 14.52
C VAL A 52 -11.57 0.25 15.27
N GLY A 53 -11.89 1.34 14.64
CA GLY A 53 -11.73 2.67 15.30
C GLY A 53 -10.68 3.50 14.54
N ARG A 54 -10.49 3.22 13.28
CA ARG A 54 -9.49 3.99 12.48
C ARG A 54 -10.10 4.41 11.14
N GLU A 55 -10.44 5.67 11.01
CA GLU A 55 -11.04 6.14 9.72
C GLU A 55 -9.93 6.43 8.71
N LEU A 56 -9.97 5.78 7.58
CA LEU A 56 -8.91 6.02 6.54
C LEU A 56 -9.54 6.56 5.25
N ASP A 57 -8.78 6.61 4.19
CA ASP A 57 -9.32 7.13 2.91
C ASP A 57 -8.67 6.41 1.72
N PRO A 58 -9.23 6.60 0.56
CA PRO A 58 -8.69 5.94 -0.65
C PRO A 58 -7.26 6.37 -0.95
N ILE A 59 -6.43 5.42 -1.26
CA ILE A 59 -5.00 5.72 -1.54
C ILE A 59 -4.60 5.09 -2.88
N SER A 60 -4.31 5.89 -3.88
CA SER A 60 -3.92 5.31 -5.20
C SER A 60 -2.54 4.68 -5.09
N LEU A 61 -2.45 3.39 -5.29
CA LEU A 61 -1.13 2.70 -5.20
C LEU A 61 -0.63 2.35 -6.60
N ILE A 62 0.65 2.44 -6.80
CA ILE A 62 1.21 2.11 -8.14
C ILE A 62 2.20 0.94 -8.02
N LEU A 63 2.33 0.16 -9.05
CA LEU A 63 3.28 -0.99 -8.99
C LEU A 63 4.33 -0.87 -10.09
N ILE A 64 5.44 -0.24 -9.80
CA ILE A 64 6.51 -0.09 -10.82
C ILE A 64 7.87 -0.51 -10.24
N PRO A 65 8.37 -1.63 -10.69
CA PRO A 65 9.68 -2.13 -10.20
C PRO A 65 10.82 -1.26 -10.75
N GLY A 66 11.12 -0.17 -10.10
CA GLY A 66 12.21 0.72 -10.58
C GLY A 66 11.92 2.16 -10.16
N GLU A 67 10.68 2.57 -10.25
CA GLU A 67 10.33 3.97 -9.86
C GLU A 67 10.59 4.19 -8.37
N THR A 68 10.11 3.30 -7.55
CA THR A 68 10.33 3.46 -6.07
C THR A 68 11.20 2.31 -5.55
N MET A 69 11.87 2.52 -4.44
CA MET A 69 12.73 1.43 -3.88
C MET A 69 11.85 0.31 -3.31
N TRP A 70 12.08 -0.90 -3.73
CA TRP A 70 11.27 -2.04 -3.20
C TRP A 70 12.04 -2.72 -2.06
N VAL A 71 11.42 -2.84 -0.92
CA VAL A 71 12.11 -3.49 0.24
C VAL A 71 11.08 -4.15 1.17
N PRO A 72 10.79 -5.40 0.91
CA PRO A 72 9.82 -6.14 1.73
C PRO A 72 10.42 -6.46 3.10
N ILE A 73 11.70 -6.66 3.17
CA ILE A 73 12.35 -6.98 4.48
C ILE A 73 12.66 -5.69 5.25
N LYS A 74 11.64 -4.94 5.60
CA LYS A 74 11.88 -3.67 6.35
C LYS A 74 12.55 -3.97 7.70
N SER A 75 11.96 -4.83 8.49
CA SER A 75 12.56 -5.15 9.81
C SER A 75 13.64 -6.23 9.65
N SER A 76 14.43 -6.46 10.67
CA SER A 76 15.49 -7.49 10.57
C SER A 76 14.87 -8.89 10.39
N LYS A 77 13.95 -9.25 11.24
CA LYS A 77 13.31 -10.59 11.11
C LYS A 77 11.86 -10.44 10.66
N SER A 78 11.30 -11.47 10.07
CA SER A 78 9.89 -11.40 9.60
C SER A 78 9.68 -10.17 8.71
N GLY A 79 9.86 -10.32 7.42
CA GLY A 79 9.67 -9.16 6.51
C GLY A 79 8.55 -9.47 5.51
N ARG A 80 7.35 -9.06 5.79
CA ARG A 80 6.22 -9.32 4.87
C ARG A 80 5.63 -8.01 4.34
N ILE A 81 5.75 -6.95 5.09
CA ILE A 81 5.19 -5.65 4.64
C ILE A 81 6.03 -5.09 3.48
N PHE A 82 5.40 -4.82 2.36
CA PHE A 82 6.16 -4.27 1.20
C PHE A 82 6.36 -2.77 1.37
N ALA A 83 7.58 -2.33 1.53
CA ALA A 83 7.83 -0.87 1.72
C ALA A 83 8.32 -0.24 0.40
N LEU A 84 7.76 0.87 0.02
CA LEU A 84 8.19 1.55 -1.23
C LEU A 84 8.59 2.99 -0.92
N VAL A 85 9.86 3.28 -0.92
CA VAL A 85 10.32 4.68 -0.61
C VAL A 85 11.02 5.28 -1.84
N PHE A 86 10.38 6.23 -2.48
CA PHE A 86 11.01 6.87 -3.67
C PHE A 86 12.14 7.81 -3.23
N SER A 87 11.81 8.89 -2.59
CA SER A 87 12.86 9.83 -2.12
C SER A 87 12.48 10.40 -0.75
N SER A 88 11.44 11.20 -0.68
CA SER A 88 11.02 11.78 0.61
C SER A 88 9.67 12.49 0.46
N ASN A 89 8.73 11.87 -0.20
CA ASN A 89 7.40 12.51 -0.39
C ASN A 89 6.34 11.47 -0.79
N GLU A 90 6.72 10.47 -1.53
CA GLU A 90 5.73 9.44 -1.95
C GLU A 90 6.11 8.04 -1.44
N ARG A 91 6.41 7.93 -0.17
CA ARG A 91 6.81 6.60 0.39
C ARG A 91 5.58 5.91 1.00
N TYR A 92 5.12 4.85 0.39
CA TYR A 92 3.93 4.13 0.94
C TYR A 92 4.32 2.73 1.42
N PHE A 93 3.51 2.16 2.30
CA PHE A 93 3.82 0.80 2.81
C PHE A 93 2.55 -0.06 2.79
N PHE A 94 2.68 -1.33 2.55
CA PHE A 94 1.46 -2.20 2.51
C PHE A 94 1.75 -3.58 3.13
N TRP A 95 0.73 -4.33 3.41
CA TRP A 95 0.94 -5.68 4.01
C TRP A 95 -0.31 -6.55 3.78
N LEU A 96 -0.13 -7.83 3.60
CA LEU A 96 -1.31 -8.72 3.37
C LEU A 96 -1.21 -9.97 4.25
N THR A 1 -10.04 -2.83 -16.97
CA THR A 1 -10.35 -3.92 -16.00
C THR A 1 -10.03 -3.46 -14.57
N VAL A 2 -10.99 -2.87 -13.90
CA VAL A 2 -10.74 -2.39 -12.51
C VAL A 2 -11.20 -3.45 -11.50
N ILE A 3 -10.37 -4.41 -11.21
CA ILE A 3 -10.76 -5.46 -10.22
C ILE A 3 -10.47 -4.97 -8.80
N LYS A 4 -11.04 -5.59 -7.81
CA LYS A 4 -10.80 -5.16 -6.40
C LYS A 4 -10.25 -6.33 -5.58
N PHE A 5 -9.31 -6.08 -4.71
CA PHE A 5 -8.75 -7.18 -3.88
C PHE A 5 -8.71 -6.77 -2.40
N ARG A 6 -8.15 -7.60 -1.56
CA ARG A 6 -8.10 -7.24 -0.11
C ARG A 6 -6.66 -7.22 0.40
N ALA A 7 -6.31 -6.21 1.14
CA ALA A 7 -4.92 -6.11 1.69
C ALA A 7 -4.89 -5.09 2.83
N GLY A 8 -3.75 -4.54 3.13
CA GLY A 8 -3.68 -3.54 4.23
C GLY A 8 -2.57 -2.53 3.96
N VAL A 9 -2.72 -1.33 4.46
CA VAL A 9 -1.68 -0.28 4.25
C VAL A 9 -0.65 -0.35 5.37
N CYS A 10 -0.25 0.78 5.92
CA CYS A 10 0.74 0.77 7.03
C CYS A 10 0.72 2.11 7.76
N GLU A 11 0.21 2.15 8.95
CA GLU A 11 0.15 3.42 9.71
C GLU A 11 1.53 3.76 10.27
N TYR A 12 1.80 5.02 10.45
CA TYR A 12 3.12 5.43 10.99
C TYR A 12 2.95 6.54 12.03
N ASN A 13 3.83 6.60 13.00
CA ASN A 13 3.71 7.66 14.05
C ASN A 13 5.01 8.47 14.13
N GLU A 14 4.90 9.76 14.32
CA GLU A 14 6.12 10.61 14.40
C GLU A 14 6.72 10.54 15.80
N ASP A 15 5.92 10.27 16.79
CA ASP A 15 6.43 10.19 18.19
C ASP A 15 7.53 9.13 18.28
N SER A 16 7.41 8.06 17.53
CA SER A 16 8.45 7.00 17.57
C SER A 16 9.00 6.73 16.16
N ARG A 17 8.49 7.41 15.17
CA ARG A 17 8.99 7.21 13.77
C ARG A 17 8.94 5.71 13.41
N LEU A 18 7.79 5.12 13.47
CA LEU A 18 7.68 3.67 13.15
C LEU A 18 6.66 3.44 12.03
N CYS A 19 6.73 2.32 11.36
CA CYS A 19 5.76 2.03 10.27
C CYS A 19 4.96 0.78 10.58
N THR A 20 4.05 0.86 11.52
CA THR A 20 3.23 -0.34 11.89
C THR A 20 2.09 -0.53 10.87
N PRO A 21 1.61 -1.74 10.78
CA PRO A 21 0.51 -2.06 9.84
C PRO A 21 -0.81 -1.47 10.35
N ILE A 22 -1.71 -1.14 9.47
CA ILE A 22 -3.01 -0.56 9.91
C ILE A 22 -3.97 -1.70 10.30
N PRO A 23 -4.67 -1.51 11.39
CA PRO A 23 -5.63 -2.55 11.86
C PRO A 23 -6.83 -2.67 10.92
N VAL A 24 -6.98 -1.74 10.01
CA VAL A 24 -8.14 -1.80 9.07
C VAL A 24 -7.69 -2.36 7.72
N GLN A 25 -8.20 -3.51 7.35
CA GLN A 25 -7.79 -4.12 6.04
C GLN A 25 -8.64 -3.53 4.91
N GLY A 26 -8.27 -2.37 4.44
CA GLY A 26 -9.05 -1.72 3.33
C GLY A 26 -9.05 -2.61 2.11
N GLU A 27 -9.36 -2.06 0.96
CA GLU A 27 -9.39 -2.90 -0.27
C GLU A 27 -8.52 -2.33 -1.38
N ILE A 28 -8.03 -3.20 -2.22
CA ILE A 28 -7.17 -2.77 -3.35
C ILE A 28 -7.97 -2.75 -4.65
N GLU A 29 -7.43 -2.20 -5.69
CA GLU A 29 -8.14 -2.15 -6.99
C GLU A 29 -7.15 -2.30 -8.14
N ILE A 30 -7.23 -3.39 -8.85
CA ILE A 30 -6.28 -3.63 -9.99
C ILE A 30 -6.58 -2.66 -11.14
N LYS A 31 -5.64 -1.84 -11.53
CA LYS A 31 -5.90 -0.89 -12.64
C LYS A 31 -4.82 -1.04 -13.72
N PRO A 32 -5.22 -1.50 -14.87
CA PRO A 32 -4.27 -1.70 -16.00
C PRO A 32 -4.11 -0.39 -16.77
N ASN A 33 -3.80 0.67 -16.08
CA ASN A 33 -3.63 1.99 -16.75
C ASN A 33 -4.96 2.45 -17.34
N GLU A 34 -5.13 3.74 -17.52
CA GLU A 34 -6.42 4.26 -18.08
C GLU A 34 -6.65 3.69 -19.49
N GLU A 35 -5.63 3.65 -20.30
CA GLU A 35 -5.78 3.12 -21.68
C GLU A 35 -4.70 2.10 -21.99
N GLU A 36 -4.23 1.39 -20.99
CA GLU A 36 -3.15 0.36 -21.22
C GLU A 36 -1.99 0.99 -22.00
N GLU A 37 -1.44 2.07 -21.50
CA GLU A 37 -0.30 2.71 -22.22
C GLU A 37 1.02 2.30 -21.56
N LEU A 38 1.04 2.24 -20.25
CA LEU A 38 2.30 1.84 -19.55
C LEU A 38 2.17 0.41 -19.01
N GLY A 39 1.01 -0.18 -19.14
CA GLY A 39 0.83 -1.57 -18.63
C GLY A 39 1.05 -1.58 -17.11
N PHE A 40 0.79 -0.47 -16.47
CA PHE A 40 0.99 -0.41 -14.99
C PHE A 40 -0.30 -0.84 -14.27
N TRP A 41 -0.24 -1.89 -13.49
CA TRP A 41 -1.46 -2.33 -12.77
C TRP A 41 -1.60 -1.55 -11.47
N ASP A 42 -1.97 -0.31 -11.55
CA ASP A 42 -2.12 0.51 -10.30
C ASP A 42 -3.07 -0.18 -9.33
N PHE A 43 -2.76 -0.14 -8.07
CA PHE A 43 -3.64 -0.77 -7.06
C PHE A 43 -4.31 0.32 -6.22
N GLU A 44 -5.54 0.59 -6.52
CA GLU A 44 -6.27 1.65 -5.76
C GLU A 44 -6.82 1.07 -4.45
N TRP A 45 -6.58 1.74 -3.36
CA TRP A 45 -7.04 1.23 -2.05
C TRP A 45 -8.24 2.07 -1.59
N ARG A 46 -9.04 1.58 -0.65
CA ARG A 46 -10.21 2.39 -0.20
C ARG A 46 -10.81 1.82 1.10
N PRO A 47 -11.23 2.70 1.97
CA PRO A 47 -11.85 2.25 3.25
C PRO A 47 -13.22 1.64 2.99
N THR A 48 -13.26 0.41 2.57
CA THR A 48 -14.58 -0.25 2.31
C THR A 48 -14.67 -1.56 3.07
N GLU A 49 -13.73 -1.80 3.93
CA GLU A 49 -13.74 -3.06 4.73
C GLU A 49 -14.28 -2.78 6.14
N LYS A 50 -14.16 -3.71 7.04
CA LYS A 50 -14.68 -3.48 8.43
C LYS A 50 -13.57 -2.85 9.29
N PRO A 51 -13.75 -1.59 9.64
CA PRO A 51 -12.74 -0.89 10.45
C PRO A 51 -12.95 -1.18 11.94
N VAL A 52 -12.01 -0.75 12.76
CA VAL A 52 -12.14 -0.99 14.23
C VAL A 52 -11.94 0.32 14.99
N GLY A 53 -12.25 1.42 14.38
CA GLY A 53 -12.08 2.74 15.06
C GLY A 53 -11.03 3.58 14.31
N ARG A 54 -10.72 3.23 13.09
CA ARG A 54 -9.72 4.01 12.31
C ARG A 54 -10.28 4.38 10.94
N GLU A 55 -10.71 5.61 10.76
CA GLU A 55 -11.27 6.04 9.45
C GLU A 55 -10.13 6.34 8.46
N LEU A 56 -9.95 5.50 7.47
CA LEU A 56 -8.86 5.74 6.48
C LEU A 56 -9.45 6.24 5.15
N ASP A 57 -8.65 6.25 4.11
CA ASP A 57 -9.15 6.73 2.79
C ASP A 57 -8.46 5.98 1.66
N PRO A 58 -8.99 6.10 0.47
CA PRO A 58 -8.41 5.41 -0.71
C PRO A 58 -6.98 5.89 -0.99
N ILE A 59 -6.16 4.98 -1.45
CA ILE A 59 -4.75 5.32 -1.76
C ILE A 59 -4.34 4.69 -3.09
N SER A 60 -4.07 5.48 -4.09
CA SER A 60 -3.66 4.91 -5.40
C SER A 60 -2.25 4.32 -5.30
N LEU A 61 -2.12 3.03 -5.46
CA LEU A 61 -0.77 2.40 -5.35
C LEU A 61 -0.23 2.08 -6.75
N ILE A 62 1.06 2.10 -6.92
CA ILE A 62 1.65 1.80 -8.26
C ILE A 62 2.51 0.54 -8.16
N LEU A 63 2.75 -0.11 -9.26
CA LEU A 63 3.59 -1.34 -9.24
C LEU A 63 4.69 -1.26 -10.31
N ILE A 64 5.86 -0.81 -9.93
CA ILE A 64 6.97 -0.70 -10.92
C ILE A 64 8.27 -1.24 -10.31
N PRO A 65 8.65 -2.42 -10.71
CA PRO A 65 9.89 -3.04 -10.18
C PRO A 65 11.12 -2.34 -10.77
N GLY A 66 11.35 -1.11 -10.40
CA GLY A 66 12.53 -0.38 -10.94
C GLY A 66 12.45 1.10 -10.53
N GLU A 67 11.28 1.67 -10.56
CA GLU A 67 11.14 3.09 -10.17
C GLU A 67 11.36 3.26 -8.66
N THR A 68 10.41 2.85 -7.86
CA THR A 68 10.56 2.98 -6.38
C THR A 68 11.53 1.93 -5.86
N MET A 69 11.53 1.69 -4.57
CA MET A 69 12.46 0.67 -4.00
C MET A 69 11.71 -0.22 -3.00
N TRP A 70 11.76 -1.52 -3.19
CA TRP A 70 11.05 -2.44 -2.25
C TRP A 70 11.89 -2.65 -0.99
N VAL A 71 11.43 -2.15 0.12
CA VAL A 71 12.19 -2.31 1.39
C VAL A 71 11.34 -3.07 2.42
N PRO A 72 11.68 -4.32 2.64
CA PRO A 72 10.92 -5.15 3.61
C PRO A 72 11.23 -4.71 5.05
N ILE A 73 10.61 -5.32 6.01
CA ILE A 73 10.86 -4.94 7.43
C ILE A 73 10.81 -6.18 8.33
N LYS A 74 9.71 -6.89 8.31
CA LYS A 74 9.59 -8.11 9.16
C LYS A 74 9.93 -7.79 10.62
N SER A 75 9.42 -6.71 11.14
CA SER A 75 9.72 -6.33 12.55
C SER A 75 8.86 -7.16 13.50
N SER A 76 7.57 -7.13 13.33
CA SER A 76 6.67 -7.91 14.23
C SER A 76 6.88 -9.42 14.01
N LYS A 77 6.57 -10.22 14.99
CA LYS A 77 6.74 -11.69 14.84
C LYS A 77 5.75 -12.24 13.81
N SER A 78 6.22 -13.07 12.91
CA SER A 78 5.31 -13.64 11.88
C SER A 78 4.53 -12.53 11.17
N GLY A 79 5.10 -11.96 10.13
CA GLY A 79 4.40 -10.87 9.40
C GLY A 79 5.20 -10.48 8.16
N ARG A 80 4.68 -9.60 7.36
CA ARG A 80 5.42 -9.18 6.13
C ARG A 80 4.90 -7.82 5.64
N ILE A 81 5.78 -6.88 5.43
CA ILE A 81 5.34 -5.53 4.96
C ILE A 81 6.23 -5.06 3.81
N PHE A 82 5.72 -5.08 2.61
CA PHE A 82 6.54 -4.62 1.44
C PHE A 82 6.39 -3.11 1.28
N ALA A 83 7.42 -2.37 1.58
CA ALA A 83 7.34 -0.89 1.45
C ALA A 83 7.99 -0.43 0.13
N LEU A 84 7.52 0.66 -0.41
CA LEU A 84 8.09 1.18 -1.69
C LEU A 84 8.62 2.60 -1.48
N VAL A 85 9.89 2.81 -1.69
CA VAL A 85 10.47 4.17 -1.51
C VAL A 85 10.98 4.73 -2.85
N PHE A 86 10.63 5.94 -3.16
CA PHE A 86 11.10 6.55 -4.44
C PHE A 86 12.26 7.50 -4.18
N SER A 87 11.99 8.69 -3.70
CA SER A 87 13.09 9.65 -3.42
C SER A 87 12.53 10.91 -2.75
N SER A 88 11.64 11.60 -3.42
CA SER A 88 11.06 12.84 -2.83
C SER A 88 10.33 12.52 -1.51
N ASN A 89 9.14 12.00 -1.58
CA ASN A 89 8.39 11.67 -0.34
C ASN A 89 7.18 10.78 -0.65
N GLU A 90 7.19 10.11 -1.76
CA GLU A 90 6.04 9.23 -2.12
C GLU A 90 6.32 7.79 -1.69
N ARG A 91 6.77 7.61 -0.47
CA ARG A 91 7.08 6.23 0.02
C ARG A 91 5.87 5.65 0.76
N TYR A 92 5.34 4.56 0.28
CA TYR A 92 4.15 3.94 0.95
C TYR A 92 4.52 2.57 1.53
N PHE A 93 3.72 2.08 2.44
CA PHE A 93 4.02 0.74 3.05
C PHE A 93 2.75 -0.13 2.99
N PHE A 94 2.91 -1.41 2.73
CA PHE A 94 1.71 -2.30 2.66
C PHE A 94 2.00 -3.64 3.36
N TRP A 95 0.97 -4.37 3.67
CA TRP A 95 1.17 -5.70 4.34
C TRP A 95 -0.07 -6.59 4.14
N LEU A 96 0.06 -7.86 4.41
CA LEU A 96 -1.10 -8.78 4.23
C LEU A 96 -1.71 -9.13 5.59
N THR A 1 -9.73 -3.69 -17.69
CA THR A 1 -9.75 -4.68 -16.57
C THR A 1 -9.55 -3.97 -15.23
N VAL A 2 -10.63 -3.56 -14.61
CA VAL A 2 -10.52 -2.85 -13.30
C VAL A 2 -11.06 -3.74 -12.18
N ILE A 3 -10.24 -4.61 -11.65
CA ILE A 3 -10.72 -5.50 -10.54
C ILE A 3 -10.11 -5.01 -9.22
N LYS A 4 -10.43 -5.62 -8.12
CA LYS A 4 -9.87 -5.15 -6.82
C LYS A 4 -9.64 -6.31 -5.85
N PHE A 5 -8.77 -6.13 -4.88
CA PHE A 5 -8.49 -7.23 -3.91
C PHE A 5 -8.50 -6.66 -2.48
N ARG A 6 -8.17 -7.47 -1.51
CA ARG A 6 -8.15 -6.98 -0.10
C ARG A 6 -6.71 -6.91 0.42
N ALA A 7 -6.40 -5.86 1.16
CA ALA A 7 -5.02 -5.72 1.70
C ALA A 7 -5.01 -4.72 2.85
N GLY A 8 -3.87 -4.15 3.16
CA GLY A 8 -3.80 -3.15 4.26
C GLY A 8 -2.68 -2.15 4.01
N VAL A 9 -2.77 -0.99 4.59
CA VAL A 9 -1.71 0.05 4.39
C VAL A 9 -0.66 -0.04 5.51
N CYS A 10 -0.18 1.08 5.98
CA CYS A 10 0.84 1.06 7.08
C CYS A 10 0.81 2.41 7.81
N GLU A 11 0.33 2.41 9.02
CA GLU A 11 0.27 3.69 9.80
C GLU A 11 1.65 4.01 10.38
N TYR A 12 1.94 5.27 10.56
CA TYR A 12 3.27 5.66 11.12
C TYR A 12 3.08 6.70 12.22
N ASN A 13 3.94 6.70 13.20
CA ASN A 13 3.81 7.70 14.30
C ASN A 13 5.01 8.64 14.32
N GLU A 14 4.78 9.91 14.44
CA GLU A 14 5.90 10.89 14.47
C GLU A 14 6.55 10.91 15.86
N ASP A 15 5.80 10.57 16.87
CA ASP A 15 6.37 10.58 18.25
C ASP A 15 7.52 9.57 18.35
N SER A 16 7.42 8.48 17.63
CA SER A 16 8.50 7.46 17.68
C SER A 16 9.06 7.20 16.28
N ARG A 17 8.50 7.83 15.27
CA ARG A 17 8.98 7.62 13.88
C ARG A 17 9.03 6.13 13.54
N LEU A 18 7.92 5.45 13.66
CA LEU A 18 7.89 3.99 13.36
C LEU A 18 6.90 3.69 12.24
N CYS A 19 7.00 2.54 11.63
CA CYS A 19 6.05 2.18 10.54
C CYS A 19 5.30 0.90 10.89
N THR A 20 4.13 1.03 11.44
CA THR A 20 3.33 -0.18 11.80
C THR A 20 2.16 -0.36 10.82
N PRO A 21 1.68 -1.57 10.74
CA PRO A 21 0.54 -1.88 9.83
C PRO A 21 -0.76 -1.28 10.39
N ILE A 22 -1.64 -0.83 9.53
CA ILE A 22 -2.91 -0.24 10.02
C ILE A 22 -3.91 -1.36 10.35
N PRO A 23 -4.61 -1.20 11.43
CA PRO A 23 -5.61 -2.22 11.84
C PRO A 23 -6.77 -2.27 10.85
N VAL A 24 -6.88 -1.30 9.99
CA VAL A 24 -7.98 -1.30 8.99
C VAL A 24 -7.56 -2.10 7.75
N GLN A 25 -8.23 -3.19 7.48
CA GLN A 25 -7.87 -4.01 6.29
C GLN A 25 -8.73 -3.60 5.09
N GLY A 26 -8.52 -2.41 4.59
CA GLY A 26 -9.33 -1.94 3.41
C GLY A 26 -9.10 -2.87 2.23
N GLU A 27 -9.21 -2.37 1.02
CA GLU A 27 -9.00 -3.24 -0.16
C GLU A 27 -8.32 -2.46 -1.29
N ILE A 28 -7.64 -3.14 -2.17
CA ILE A 28 -6.97 -2.45 -3.30
C ILE A 28 -7.79 -2.61 -4.58
N GLU A 29 -7.45 -1.85 -5.59
CA GLU A 29 -8.18 -1.97 -6.89
C GLU A 29 -7.18 -2.09 -8.04
N ILE A 30 -7.08 -3.23 -8.63
CA ILE A 30 -6.12 -3.42 -9.76
C ILE A 30 -6.59 -2.60 -10.97
N LYS A 31 -5.76 -1.72 -11.47
CA LYS A 31 -6.16 -0.90 -12.63
C LYS A 31 -5.13 -1.01 -13.76
N PRO A 32 -5.61 -1.12 -14.98
CA PRO A 32 -4.73 -1.24 -16.15
C PRO A 32 -4.42 0.15 -16.71
N ASN A 33 -3.88 1.01 -15.89
CA ASN A 33 -3.55 2.41 -16.33
C ASN A 33 -4.70 3.00 -17.17
N GLU A 34 -4.40 3.92 -18.04
CA GLU A 34 -5.50 4.53 -18.87
C GLU A 34 -5.92 3.56 -19.98
N GLU A 35 -5.13 3.45 -21.01
CA GLU A 35 -5.49 2.52 -22.13
C GLU A 35 -4.26 1.77 -22.62
N GLU A 36 -3.73 0.87 -21.82
CA GLU A 36 -2.52 0.10 -22.25
C GLU A 36 -1.43 1.04 -22.74
N GLU A 37 -1.04 2.00 -21.94
CA GLU A 37 0.03 2.96 -22.37
C GLU A 37 1.29 2.71 -21.54
N LEU A 38 1.14 2.47 -20.27
CA LEU A 38 2.33 2.22 -19.41
C LEU A 38 2.26 0.81 -18.82
N GLY A 39 1.16 0.13 -18.95
CA GLY A 39 1.04 -1.24 -18.40
C GLY A 39 1.24 -1.17 -16.88
N PHE A 40 0.87 -0.06 -16.28
CA PHE A 40 1.03 0.08 -14.81
C PHE A 40 -0.24 -0.36 -14.09
N TRP A 41 -0.13 -1.36 -13.25
CA TRP A 41 -1.33 -1.84 -12.53
C TRP A 41 -1.64 -0.93 -11.34
N ASP A 42 -2.22 0.22 -11.60
CA ASP A 42 -2.54 1.17 -10.49
C ASP A 42 -3.38 0.45 -9.42
N PHE A 43 -3.00 0.55 -8.19
CA PHE A 43 -3.78 -0.12 -7.12
C PHE A 43 -4.48 0.92 -6.27
N GLU A 44 -5.75 1.10 -6.47
CA GLU A 44 -6.51 2.10 -5.67
C GLU A 44 -7.01 1.46 -4.38
N TRP A 45 -6.58 1.97 -3.26
CA TRP A 45 -7.02 1.40 -1.95
C TRP A 45 -8.25 2.16 -1.45
N ARG A 46 -8.90 1.67 -0.42
CA ARG A 46 -10.12 2.38 0.09
C ARG A 46 -10.67 1.68 1.34
N PRO A 47 -11.20 2.45 2.25
CA PRO A 47 -11.78 1.88 3.48
C PRO A 47 -13.13 1.22 3.15
N THR A 48 -13.11 0.03 2.59
CA THR A 48 -14.39 -0.65 2.26
C THR A 48 -14.53 -1.92 3.11
N GLU A 49 -13.58 -2.14 3.95
CA GLU A 49 -13.61 -3.35 4.82
C GLU A 49 -13.86 -2.92 6.27
N LYS A 50 -13.70 -3.81 7.21
CA LYS A 50 -13.94 -3.44 8.63
C LYS A 50 -12.70 -2.74 9.22
N PRO A 51 -12.84 -1.48 9.54
CA PRO A 51 -11.71 -0.71 10.11
C PRO A 51 -11.51 -1.06 11.58
N VAL A 52 -12.50 -0.82 12.41
CA VAL A 52 -12.40 -1.12 13.87
C VAL A 52 -11.00 -0.83 14.40
N GLY A 53 -10.36 0.18 13.87
CA GLY A 53 -8.99 0.52 14.33
C GLY A 53 -8.73 2.01 14.10
N ARG A 54 -9.04 2.51 12.94
CA ARG A 54 -8.80 3.95 12.65
C ARG A 54 -9.43 4.33 11.30
N GLU A 55 -10.14 5.41 11.25
CA GLU A 55 -10.77 5.85 9.97
C GLU A 55 -9.74 5.93 8.85
N LEU A 56 -9.96 5.24 7.76
CA LEU A 56 -8.99 5.27 6.64
C LEU A 56 -9.61 5.94 5.41
N ASP A 57 -8.94 5.88 4.29
CA ASP A 57 -9.47 6.51 3.04
C ASP A 57 -8.78 5.91 1.82
N PRO A 58 -9.31 6.21 0.66
CA PRO A 58 -8.74 5.68 -0.60
C PRO A 58 -7.31 6.19 -0.82
N ILE A 59 -6.42 5.29 -1.15
CA ILE A 59 -4.99 5.68 -1.38
C ILE A 59 -4.54 5.15 -2.75
N SER A 60 -4.24 6.03 -3.67
CA SER A 60 -3.80 5.57 -5.01
C SER A 60 -2.40 4.94 -4.93
N LEU A 61 -2.29 3.68 -5.26
CA LEU A 61 -0.96 3.01 -5.21
C LEU A 61 -0.45 2.72 -6.62
N ILE A 62 0.83 2.73 -6.81
CA ILE A 62 1.38 2.45 -8.17
C ILE A 62 2.34 1.26 -8.11
N LEU A 63 2.40 0.50 -9.16
CA LEU A 63 3.31 -0.69 -9.17
C LEU A 63 4.32 -0.58 -10.31
N ILE A 64 5.55 -0.28 -10.01
CA ILE A 64 6.58 -0.16 -11.08
C ILE A 64 7.86 -0.89 -10.66
N PRO A 65 8.24 -1.88 -11.42
CA PRO A 65 9.48 -2.64 -11.11
C PRO A 65 10.72 -1.82 -11.43
N GLY A 66 11.05 -0.88 -10.58
CA GLY A 66 12.26 -0.03 -10.83
C GLY A 66 12.10 1.31 -10.12
N GLU A 67 11.05 2.02 -10.40
CA GLU A 67 10.83 3.35 -9.75
C GLU A 67 10.73 3.17 -8.23
N THR A 68 9.78 2.39 -7.78
CA THR A 68 9.63 2.18 -6.31
C THR A 68 10.28 0.85 -5.90
N MET A 69 10.85 0.80 -4.72
CA MET A 69 11.51 -0.45 -4.26
C MET A 69 10.68 -1.10 -3.16
N TRP A 70 10.45 -2.39 -3.26
CA TRP A 70 9.64 -3.08 -2.21
C TRP A 70 10.57 -3.59 -1.09
N VAL A 71 10.13 -3.49 0.14
CA VAL A 71 10.98 -3.96 1.27
C VAL A 71 10.10 -4.64 2.33
N PRO A 72 10.10 -5.95 2.32
CA PRO A 72 9.28 -6.71 3.30
C PRO A 72 9.95 -6.71 4.68
N ILE A 73 11.20 -6.31 4.76
CA ILE A 73 11.90 -6.29 6.07
C ILE A 73 11.78 -7.66 6.75
N LYS A 74 12.73 -8.54 6.53
CA LYS A 74 12.67 -9.89 7.15
C LYS A 74 13.52 -9.91 8.44
N SER A 75 12.90 -10.13 9.56
CA SER A 75 13.68 -10.16 10.84
C SER A 75 12.92 -10.98 11.89
N SER A 76 13.51 -12.03 12.39
CA SER A 76 12.83 -12.87 13.42
C SER A 76 11.45 -13.30 12.92
N LYS A 77 10.55 -13.59 13.82
CA LYS A 77 9.18 -14.01 13.40
C LYS A 77 8.41 -12.82 12.83
N SER A 78 8.81 -12.33 11.69
CA SER A 78 8.10 -11.17 11.08
C SER A 78 8.52 -11.00 9.61
N GLY A 79 7.89 -10.11 8.90
CA GLY A 79 8.25 -9.90 7.47
C GLY A 79 6.98 -9.71 6.64
N ARG A 80 6.14 -8.78 7.03
CA ARG A 80 4.88 -8.55 6.26
C ARG A 80 4.73 -7.06 5.91
N ILE A 81 5.70 -6.25 6.25
CA ILE A 81 5.60 -4.79 5.92
C ILE A 81 6.18 -4.52 4.53
N PHE A 82 5.39 -4.68 3.50
CA PHE A 82 5.90 -4.42 2.12
C PHE A 82 5.99 -2.91 1.89
N ALA A 83 7.15 -2.34 2.09
CA ALA A 83 7.32 -0.87 1.89
C ALA A 83 7.60 -0.54 0.43
N LEU A 84 6.75 0.24 -0.18
CA LEU A 84 6.98 0.61 -1.62
C LEU A 84 7.46 2.06 -1.71
N VAL A 85 8.72 2.29 -1.43
CA VAL A 85 9.26 3.69 -1.48
C VAL A 85 9.62 4.08 -2.91
N PHE A 86 9.05 5.15 -3.40
CA PHE A 86 9.34 5.60 -4.80
C PHE A 86 10.76 6.17 -4.88
N SER A 87 10.95 7.36 -4.38
CA SER A 87 12.30 7.98 -4.42
C SER A 87 12.66 8.54 -3.05
N SER A 88 11.98 9.57 -2.60
CA SER A 88 12.27 10.16 -1.28
C SER A 88 11.21 11.19 -0.89
N ASN A 89 9.96 10.88 -1.12
CA ASN A 89 8.88 11.85 -0.76
C ASN A 89 7.51 11.16 -0.83
N GLU A 90 7.31 10.30 -1.79
CA GLU A 90 6.00 9.61 -1.92
C GLU A 90 6.16 8.10 -1.68
N ARG A 91 6.81 7.74 -0.60
CA ARG A 91 7.00 6.29 -0.30
C ARG A 91 5.85 5.76 0.55
N TYR A 92 5.05 4.90 0.00
CA TYR A 92 3.89 4.34 0.78
C TYR A 92 4.22 2.96 1.33
N PHE A 93 3.85 2.68 2.54
CA PHE A 93 4.12 1.34 3.14
C PHE A 93 2.84 0.51 3.12
N PHE A 94 2.95 -0.78 2.87
CA PHE A 94 1.72 -1.63 2.83
C PHE A 94 2.01 -3.01 3.44
N TRP A 95 0.98 -3.78 3.69
CA TRP A 95 1.18 -5.14 4.27
C TRP A 95 -0.05 -6.01 4.00
N LEU A 96 0.12 -7.30 3.95
CA LEU A 96 -1.04 -8.20 3.68
C LEU A 96 -0.81 -9.58 4.33
N THR A 1 -10.41 -2.57 -16.83
CA THR A 1 -10.57 -3.69 -15.87
C THR A 1 -10.15 -3.24 -14.46
N VAL A 2 -11.04 -2.55 -13.78
CA VAL A 2 -10.70 -2.08 -12.40
C VAL A 2 -11.16 -3.14 -11.37
N ILE A 3 -10.42 -4.21 -11.25
CA ILE A 3 -10.80 -5.27 -10.27
C ILE A 3 -10.54 -4.77 -8.84
N LYS A 4 -11.05 -5.47 -7.85
CA LYS A 4 -10.82 -5.05 -6.44
C LYS A 4 -10.20 -6.20 -5.64
N PHE A 5 -9.20 -5.91 -4.84
CA PHE A 5 -8.56 -6.99 -4.05
C PHE A 5 -8.56 -6.61 -2.56
N ARG A 6 -7.99 -7.44 -1.72
CA ARG A 6 -7.97 -7.12 -0.27
C ARG A 6 -6.53 -7.10 0.25
N ALA A 7 -6.21 -6.16 1.11
CA ALA A 7 -4.84 -6.07 1.66
C ALA A 7 -4.81 -5.10 2.84
N GLY A 8 -3.68 -4.54 3.14
CA GLY A 8 -3.59 -3.58 4.28
C GLY A 8 -2.60 -2.46 3.95
N VAL A 9 -2.82 -1.30 4.51
CA VAL A 9 -1.90 -0.15 4.24
C VAL A 9 -0.78 -0.13 5.29
N CYS A 10 -0.41 1.04 5.76
CA CYS A 10 0.66 1.12 6.79
C CYS A 10 0.55 2.45 7.54
N GLU A 11 0.11 2.41 8.77
CA GLU A 11 -0.02 3.68 9.55
C GLU A 11 1.35 4.10 10.08
N TYR A 12 1.57 5.38 10.20
CA TYR A 12 2.89 5.87 10.70
C TYR A 12 2.68 6.75 11.93
N ASN A 13 3.61 6.76 12.84
CA ASN A 13 3.48 7.60 14.06
C ASN A 13 4.51 8.72 14.03
N GLU A 14 4.06 9.95 14.02
CA GLU A 14 5.01 11.10 13.98
C GLU A 14 5.71 11.27 15.34
N ASP A 15 5.08 10.81 16.39
CA ASP A 15 5.71 10.95 17.74
C ASP A 15 6.99 10.11 17.82
N SER A 16 7.02 9.00 17.15
CA SER A 16 8.24 8.13 17.19
C SER A 16 8.71 7.78 15.77
N ARG A 17 8.06 8.30 14.76
CA ARG A 17 8.46 7.99 13.36
C ARG A 17 8.56 6.48 13.17
N LEU A 18 7.50 5.76 13.44
CA LEU A 18 7.54 4.28 13.29
C LEU A 18 6.62 3.82 12.15
N CYS A 19 6.73 2.59 11.75
CA CYS A 19 5.86 2.07 10.65
C CYS A 19 5.15 0.79 11.11
N THR A 20 3.85 0.86 11.28
CA THR A 20 3.10 -0.35 11.74
C THR A 20 1.92 -0.60 10.79
N PRO A 21 1.44 -1.82 10.81
CA PRO A 21 0.29 -2.20 9.95
C PRO A 21 -1.00 -1.57 10.47
N ILE A 22 -1.86 -1.13 9.60
CA ILE A 22 -3.13 -0.50 10.05
C ILE A 22 -4.14 -1.59 10.43
N PRO A 23 -4.85 -1.36 11.50
CA PRO A 23 -5.86 -2.35 11.97
C PRO A 23 -6.99 -2.47 10.96
N VAL A 24 -7.26 -1.44 10.22
CA VAL A 24 -8.36 -1.50 9.21
C VAL A 24 -7.83 -2.11 7.91
N GLN A 25 -8.32 -3.26 7.53
CA GLN A 25 -7.85 -3.91 6.28
C GLN A 25 -8.74 -3.53 5.10
N GLY A 26 -8.55 -2.36 4.56
CA GLY A 26 -9.39 -1.91 3.41
C GLY A 26 -9.18 -2.85 2.22
N GLU A 27 -9.40 -2.38 1.02
CA GLU A 27 -9.20 -3.27 -0.16
C GLU A 27 -8.49 -2.52 -1.29
N ILE A 28 -7.90 -3.24 -2.20
CA ILE A 28 -7.17 -2.59 -3.33
C ILE A 28 -8.02 -2.64 -4.60
N GLU A 29 -7.53 -2.05 -5.66
CA GLU A 29 -8.28 -2.06 -6.94
C GLU A 29 -7.30 -2.31 -8.10
N ILE A 30 -7.34 -3.46 -8.68
CA ILE A 30 -6.40 -3.76 -9.81
C ILE A 30 -6.79 -2.89 -11.02
N LYS A 31 -5.85 -2.13 -11.56
CA LYS A 31 -6.20 -1.28 -12.72
C LYS A 31 -5.12 -1.39 -13.82
N PRO A 32 -5.56 -1.41 -15.05
CA PRO A 32 -4.63 -1.51 -16.19
C PRO A 32 -4.17 -0.11 -16.62
N ASN A 33 -3.64 0.64 -15.70
CA ASN A 33 -3.17 2.02 -16.02
C ASN A 33 -4.35 2.91 -16.41
N GLU A 34 -4.09 4.14 -16.76
CA GLU A 34 -5.20 5.06 -17.13
C GLU A 34 -5.70 4.76 -18.55
N GLU A 35 -4.87 4.21 -19.39
CA GLU A 35 -5.31 3.91 -20.78
C GLU A 35 -4.59 2.66 -21.31
N GLU A 36 -4.21 1.77 -20.43
CA GLU A 36 -3.51 0.53 -20.88
C GLU A 36 -2.34 0.87 -21.79
N GLU A 37 -1.50 1.78 -21.39
CA GLU A 37 -0.33 2.17 -22.25
C GLU A 37 0.99 1.83 -21.53
N LEU A 38 0.98 1.80 -20.23
CA LEU A 38 2.25 1.46 -19.49
C LEU A 38 2.15 0.04 -18.92
N GLY A 39 1.00 -0.57 -18.99
CA GLY A 39 0.86 -1.94 -18.44
C GLY A 39 1.09 -1.89 -16.93
N PHE A 40 0.83 -0.77 -16.32
CA PHE A 40 1.04 -0.65 -14.85
C PHE A 40 -0.23 -1.04 -14.10
N TRP A 41 -0.16 -2.05 -13.27
CA TRP A 41 -1.38 -2.48 -12.53
C TRP A 41 -1.67 -1.50 -11.39
N ASP A 42 -2.22 -0.36 -11.72
CA ASP A 42 -2.54 0.65 -10.65
C ASP A 42 -3.41 0.02 -9.57
N PHE A 43 -2.98 0.03 -8.35
CA PHE A 43 -3.80 -0.57 -7.26
C PHE A 43 -4.41 0.52 -6.41
N GLU A 44 -5.67 0.79 -6.62
CA GLU A 44 -6.35 1.85 -5.81
C GLU A 44 -6.89 1.25 -4.51
N TRP A 45 -6.55 1.84 -3.41
CA TRP A 45 -7.03 1.31 -2.10
C TRP A 45 -8.23 2.12 -1.62
N ARG A 46 -8.87 1.70 -0.56
CA ARG A 46 -10.06 2.46 -0.04
C ARG A 46 -10.64 1.79 1.20
N PRO A 47 -11.13 2.59 2.11
CA PRO A 47 -11.75 2.06 3.35
C PRO A 47 -13.09 1.40 3.02
N THR A 48 -13.08 0.19 2.54
CA THR A 48 -14.36 -0.49 2.22
C THR A 48 -14.49 -1.77 3.04
N GLU A 49 -13.63 -1.92 3.99
CA GLU A 49 -13.66 -3.13 4.86
C GLU A 49 -14.34 -2.79 6.19
N LYS A 50 -14.26 -3.69 7.15
CA LYS A 50 -14.89 -3.40 8.47
C LYS A 50 -13.83 -2.87 9.44
N PRO A 51 -13.91 -1.60 9.76
CA PRO A 51 -12.92 -0.98 10.67
C PRO A 51 -13.24 -1.34 12.13
N VAL A 52 -12.22 -1.49 12.94
CA VAL A 52 -12.46 -1.82 14.38
C VAL A 52 -11.43 -1.09 15.25
N GLY A 53 -10.98 0.05 14.80
CA GLY A 53 -9.97 0.81 15.59
C GLY A 53 -9.87 2.23 15.06
N ARG A 54 -9.47 2.40 13.82
CA ARG A 54 -9.34 3.76 13.24
C ARG A 54 -10.05 3.80 11.88
N GLU A 55 -9.67 4.73 11.06
CA GLU A 55 -10.30 4.86 9.71
C GLU A 55 -9.30 5.45 8.71
N LEU A 56 -9.37 5.04 7.46
CA LEU A 56 -8.42 5.58 6.45
C LEU A 56 -9.18 6.03 5.19
N ASP A 57 -8.48 6.16 4.09
CA ASP A 57 -9.15 6.59 2.82
C ASP A 57 -8.46 5.93 1.62
N PRO A 58 -9.04 6.08 0.46
CA PRO A 58 -8.45 5.47 -0.77
C PRO A 58 -7.03 5.96 -1.02
N ILE A 59 -6.17 5.04 -1.35
CA ILE A 59 -4.74 5.38 -1.62
C ILE A 59 -4.32 4.80 -2.98
N SER A 60 -3.96 5.64 -3.91
CA SER A 60 -3.55 5.11 -5.25
C SER A 60 -2.19 4.41 -5.13
N LEU A 61 -2.14 3.15 -5.45
CA LEU A 61 -0.85 2.40 -5.36
C LEU A 61 -0.34 2.07 -6.76
N ILE A 62 0.94 2.09 -6.95
CA ILE A 62 1.50 1.78 -8.29
C ILE A 62 2.43 0.55 -8.21
N LEU A 63 2.48 -0.23 -9.26
CA LEU A 63 3.35 -1.44 -9.25
C LEU A 63 4.30 -1.42 -10.45
N ILE A 64 5.51 -0.99 -10.24
CA ILE A 64 6.49 -0.94 -11.38
C ILE A 64 7.83 -1.59 -10.95
N PRO A 65 8.10 -2.75 -11.49
CA PRO A 65 9.35 -3.46 -11.15
C PRO A 65 10.55 -2.75 -11.80
N GLY A 66 11.02 -1.69 -11.20
CA GLY A 66 12.18 -0.95 -11.78
C GLY A 66 12.14 0.50 -11.32
N GLU A 67 10.96 1.02 -11.09
CA GLU A 67 10.84 2.44 -10.64
C GLU A 67 10.88 2.52 -9.12
N THR A 68 10.34 1.54 -8.45
CA THR A 68 10.35 1.55 -6.96
C THR A 68 11.39 0.56 -6.43
N MET A 69 11.68 0.62 -5.15
CA MET A 69 12.69 -0.32 -4.58
C MET A 69 12.02 -1.36 -3.68
N TRP A 70 12.59 -2.52 -3.57
CA TRP A 70 11.99 -3.58 -2.72
C TRP A 70 12.55 -3.48 -1.29
N VAL A 71 11.70 -3.26 -0.32
CA VAL A 71 12.18 -3.15 1.09
C VAL A 71 11.22 -3.88 2.03
N PRO A 72 11.71 -4.94 2.63
CA PRO A 72 10.87 -5.73 3.56
C PRO A 72 10.70 -4.97 4.90
N ILE A 73 11.68 -5.02 5.76
CA ILE A 73 11.58 -4.31 7.06
C ILE A 73 12.94 -3.73 7.47
N LYS A 74 12.99 -2.99 8.54
CA LYS A 74 14.29 -2.41 8.99
C LYS A 74 14.85 -3.20 10.17
N SER A 75 14.18 -3.18 11.28
CA SER A 75 14.67 -3.94 12.47
C SER A 75 13.53 -4.74 13.11
N SER A 76 13.45 -6.01 12.80
CA SER A 76 12.35 -6.84 13.39
C SER A 76 12.65 -8.33 13.18
N LYS A 77 11.92 -9.19 13.84
CA LYS A 77 12.16 -10.66 13.69
C LYS A 77 11.15 -11.25 12.70
N SER A 78 10.67 -10.46 11.78
CA SER A 78 9.68 -10.98 10.79
C SER A 78 9.63 -10.05 9.57
N GLY A 79 8.84 -10.41 8.59
CA GLY A 79 8.73 -9.55 7.38
C GLY A 79 7.39 -9.80 6.69
N ARG A 80 6.45 -8.92 6.87
CA ARG A 80 5.12 -9.09 6.23
C ARG A 80 4.59 -7.76 5.72
N ILE A 81 5.45 -6.81 5.49
CA ILE A 81 5.00 -5.46 5.00
C ILE A 81 5.69 -5.13 3.68
N PHE A 82 4.95 -5.17 2.60
CA PHE A 82 5.56 -4.85 1.27
C PHE A 82 5.90 -3.36 1.20
N ALA A 83 7.00 -2.96 1.78
CA ALA A 83 7.39 -1.52 1.74
C ALA A 83 7.93 -1.16 0.35
N LEU A 84 7.22 -0.32 -0.37
CA LEU A 84 7.68 0.08 -1.72
C LEU A 84 8.25 1.50 -1.69
N VAL A 85 9.46 1.68 -2.15
CA VAL A 85 10.08 3.04 -2.14
C VAL A 85 10.31 3.52 -3.57
N PHE A 86 9.57 4.51 -4.01
CA PHE A 86 9.75 5.03 -5.39
C PHE A 86 11.11 5.73 -5.52
N SER A 87 11.22 6.94 -5.03
CA SER A 87 12.52 7.66 -5.13
C SER A 87 12.43 9.01 -4.41
N SER A 88 11.70 9.94 -4.97
CA SER A 88 11.58 11.29 -4.33
C SER A 88 11.03 11.15 -2.91
N ASN A 89 9.73 11.07 -2.75
CA ASN A 89 9.15 10.94 -1.38
C ASN A 89 7.77 10.26 -1.43
N GLU A 90 7.44 9.64 -2.53
CA GLU A 90 6.12 8.96 -2.64
C GLU A 90 6.27 7.45 -2.38
N ARG A 91 6.92 7.09 -1.30
CA ARG A 91 7.11 5.64 -0.98
C ARG A 91 5.94 5.14 -0.13
N TYR A 92 5.24 4.13 -0.61
CA TYR A 92 4.10 3.60 0.18
C TYR A 92 4.45 2.24 0.80
N PHE A 93 3.71 1.81 1.77
CA PHE A 93 3.99 0.49 2.42
C PHE A 93 2.68 -0.26 2.65
N PHE A 94 2.68 -1.55 2.47
CA PHE A 94 1.42 -2.33 2.68
C PHE A 94 1.72 -3.61 3.46
N TRP A 95 0.69 -4.21 4.04
CA TRP A 95 0.91 -5.48 4.81
C TRP A 95 -0.29 -6.41 4.61
N LEU A 96 -0.13 -7.66 4.92
CA LEU A 96 -1.27 -8.62 4.74
C LEU A 96 -1.94 -8.90 6.09
N THR A 1 -9.21 -4.45 -16.79
CA THR A 1 -9.49 -5.40 -15.68
C THR A 1 -9.54 -4.67 -14.34
N VAL A 2 -10.69 -4.18 -13.97
CA VAL A 2 -10.81 -3.46 -12.67
C VAL A 2 -11.20 -4.44 -11.56
N ILE A 3 -10.26 -5.23 -11.10
CA ILE A 3 -10.57 -6.22 -10.03
C ILE A 3 -10.36 -5.58 -8.65
N LYS A 4 -10.80 -6.22 -7.61
CA LYS A 4 -10.62 -5.65 -6.24
C LYS A 4 -10.03 -6.71 -5.31
N PHE A 5 -9.00 -6.36 -4.57
CA PHE A 5 -8.38 -7.35 -3.65
C PHE A 5 -8.34 -6.79 -2.23
N ARG A 6 -8.76 -7.57 -1.27
CA ARG A 6 -8.77 -7.08 0.15
C ARG A 6 -7.36 -7.17 0.74
N ALA A 7 -6.82 -6.07 1.20
CA ALA A 7 -5.46 -6.08 1.80
C ALA A 7 -5.36 -5.05 2.92
N GLY A 8 -4.18 -4.57 3.20
CA GLY A 8 -4.04 -3.55 4.29
C GLY A 8 -2.99 -2.51 3.89
N VAL A 9 -3.03 -1.35 4.50
CA VAL A 9 -2.05 -0.29 4.17
C VAL A 9 -0.87 -0.34 5.16
N CYS A 10 -0.42 0.79 5.64
CA CYS A 10 0.70 0.79 6.62
C CYS A 10 0.76 2.15 7.34
N GLU A 11 0.39 2.19 8.59
CA GLU A 11 0.42 3.46 9.34
C GLU A 11 1.85 3.78 9.75
N TYR A 12 2.09 5.02 10.09
CA TYR A 12 3.47 5.43 10.49
C TYR A 12 3.39 6.51 11.57
N ASN A 13 4.26 6.47 12.54
CA ASN A 13 4.24 7.50 13.63
C ASN A 13 5.42 8.45 13.47
N GLU A 14 5.18 9.74 13.61
CA GLU A 14 6.29 10.72 13.46
C GLU A 14 7.11 10.78 14.75
N ASP A 15 6.51 10.43 15.86
CA ASP A 15 7.25 10.46 17.16
C ASP A 15 8.43 9.49 17.11
N SER A 16 8.24 8.34 16.50
CA SER A 16 9.35 7.36 16.41
C SER A 16 9.75 7.14 14.94
N ARG A 17 9.02 7.72 14.02
CA ARG A 17 9.35 7.55 12.58
C ARG A 17 9.42 6.06 12.22
N LEU A 18 8.34 5.34 12.43
CA LEU A 18 8.35 3.88 12.11
C LEU A 18 7.13 3.52 11.25
N CYS A 19 7.10 2.33 10.72
CA CYS A 19 5.95 1.91 9.86
C CYS A 19 5.34 0.61 10.40
N THR A 20 4.04 0.49 10.36
CA THR A 20 3.39 -0.75 10.87
C THR A 20 2.12 -1.05 10.08
N PRO A 21 1.64 -2.27 10.20
CA PRO A 21 0.40 -2.67 9.48
C PRO A 21 -0.82 -2.02 10.12
N ILE A 22 -1.71 -1.49 9.33
CA ILE A 22 -2.93 -0.84 9.89
C ILE A 22 -3.98 -1.90 10.22
N PRO A 23 -4.62 -1.74 11.35
CA PRO A 23 -5.67 -2.70 11.77
C PRO A 23 -6.96 -2.49 10.96
N VAL A 24 -6.86 -2.47 9.65
CA VAL A 24 -8.07 -2.28 8.80
C VAL A 24 -7.87 -2.95 7.45
N GLN A 25 -8.66 -3.94 7.15
CA GLN A 25 -8.51 -4.64 5.83
C GLN A 25 -9.21 -3.84 4.72
N GLY A 26 -8.67 -2.70 4.37
CA GLY A 26 -9.30 -1.87 3.30
C GLY A 26 -9.38 -2.68 2.01
N GLU A 27 -9.67 -2.03 0.91
CA GLU A 27 -9.76 -2.79 -0.37
C GLU A 27 -8.95 -2.15 -1.48
N ILE A 28 -8.30 -2.97 -2.23
CA ILE A 28 -7.47 -2.48 -3.36
C ILE A 28 -8.23 -2.69 -4.68
N GLU A 29 -7.76 -2.09 -5.74
CA GLU A 29 -8.46 -2.26 -7.05
C GLU A 29 -7.41 -2.48 -8.15
N ILE A 30 -7.40 -3.65 -8.74
CA ILE A 30 -6.40 -3.93 -9.81
C ILE A 30 -6.74 -3.08 -11.05
N LYS A 31 -5.81 -2.28 -11.51
CA LYS A 31 -6.08 -1.42 -12.70
C LYS A 31 -4.93 -1.52 -13.71
N PRO A 32 -5.27 -1.51 -14.98
CA PRO A 32 -4.27 -1.60 -16.05
C PRO A 32 -3.76 -0.20 -16.41
N ASN A 33 -3.31 0.54 -15.43
CA ASN A 33 -2.81 1.92 -15.69
C ASN A 33 -3.95 2.81 -16.20
N GLU A 34 -3.79 4.11 -16.12
CA GLU A 34 -4.87 5.03 -16.59
C GLU A 34 -5.26 4.72 -18.04
N GLU A 35 -4.31 4.73 -18.93
CA GLU A 35 -4.62 4.43 -20.36
C GLU A 35 -3.69 3.34 -20.89
N GLU A 36 -3.36 2.37 -20.07
CA GLU A 36 -2.45 1.27 -20.52
C GLU A 36 -1.17 1.85 -21.16
N GLU A 37 -0.51 2.74 -20.47
CA GLU A 37 0.73 3.35 -21.01
C GLU A 37 1.95 2.70 -20.37
N LEU A 38 1.88 2.42 -19.10
CA LEU A 38 3.04 1.79 -18.41
C LEU A 38 2.74 0.33 -18.09
N GLY A 39 1.51 -0.10 -18.29
CA GLY A 39 1.16 -1.51 -17.97
C GLY A 39 1.32 -1.74 -16.47
N PHE A 40 1.17 -0.71 -15.69
CA PHE A 40 1.32 -0.86 -14.20
C PHE A 40 -0.02 -1.23 -13.58
N TRP A 41 -0.09 -2.35 -12.93
CA TRP A 41 -1.39 -2.76 -12.29
C TRP A 41 -1.72 -1.82 -11.14
N ASP A 42 -2.17 -0.63 -11.44
CA ASP A 42 -2.50 0.34 -10.36
C ASP A 42 -3.45 -0.30 -9.34
N PHE A 43 -3.14 -0.21 -8.08
CA PHE A 43 -4.01 -0.80 -7.04
C PHE A 43 -4.69 0.30 -6.24
N GLU A 44 -5.93 0.55 -6.52
CA GLU A 44 -6.66 1.62 -5.79
C GLU A 44 -7.20 1.09 -4.46
N TRP A 45 -6.73 1.62 -3.37
CA TRP A 45 -7.20 1.16 -2.03
C TRP A 45 -8.34 2.05 -1.54
N ARG A 46 -9.22 1.55 -0.70
CA ARG A 46 -10.33 2.43 -0.22
C ARG A 46 -10.98 1.84 1.04
N PRO A 47 -11.28 2.69 2.00
CA PRO A 47 -11.92 2.23 3.25
C PRO A 47 -13.34 1.74 2.98
N THR A 48 -13.49 0.53 2.50
CA THR A 48 -14.86 0.01 2.24
C THR A 48 -15.09 -1.25 3.06
N GLU A 49 -14.15 -1.57 3.90
CA GLU A 49 -14.26 -2.78 4.76
C GLU A 49 -14.71 -2.36 6.17
N LYS A 50 -14.67 -3.27 7.11
CA LYS A 50 -15.08 -2.91 8.50
C LYS A 50 -13.84 -2.58 9.34
N PRO A 51 -13.68 -1.32 9.68
CA PRO A 51 -12.51 -0.89 10.48
C PRO A 51 -12.74 -1.16 11.97
N VAL A 52 -11.80 -0.81 12.80
CA VAL A 52 -11.95 -1.04 14.26
C VAL A 52 -11.60 0.24 15.02
N GLY A 53 -11.82 1.38 14.42
CA GLY A 53 -11.50 2.67 15.10
C GLY A 53 -10.44 3.42 14.31
N ARG A 54 -10.31 3.15 13.04
CA ARG A 54 -9.28 3.85 12.21
C ARG A 54 -9.89 4.31 10.88
N GLU A 55 -10.16 5.58 10.74
CA GLU A 55 -10.75 6.08 9.47
C GLU A 55 -9.67 6.26 8.41
N LEU A 56 -9.91 5.77 7.22
CA LEU A 56 -8.88 5.92 6.13
C LEU A 56 -9.55 6.48 4.86
N ASP A 57 -8.93 6.27 3.73
CA ASP A 57 -9.52 6.81 2.45
C ASP A 57 -8.90 6.11 1.25
N PRO A 58 -9.44 6.36 0.09
CA PRO A 58 -8.92 5.74 -1.16
C PRO A 58 -7.46 6.13 -1.41
N ILE A 59 -6.62 5.15 -1.60
CA ILE A 59 -5.18 5.43 -1.85
C ILE A 59 -4.73 4.75 -3.15
N SER A 60 -4.43 5.51 -4.16
CA SER A 60 -3.97 4.90 -5.44
C SER A 60 -2.59 4.29 -5.25
N LEU A 61 -2.46 3.01 -5.42
CA LEU A 61 -1.13 2.35 -5.23
C LEU A 61 -0.52 2.00 -6.58
N ILE A 62 0.78 2.12 -6.71
CA ILE A 62 1.45 1.79 -7.99
C ILE A 62 2.32 0.54 -7.81
N LEU A 63 2.47 -0.25 -8.84
CA LEU A 63 3.30 -1.48 -8.73
C LEU A 63 4.44 -1.44 -9.76
N ILE A 64 5.54 -0.84 -9.42
CA ILE A 64 6.69 -0.78 -10.38
C ILE A 64 7.97 -1.30 -9.71
N PRO A 65 8.41 -2.46 -10.12
CA PRO A 65 9.63 -3.06 -9.54
C PRO A 65 10.88 -2.31 -10.04
N GLY A 66 10.99 -1.05 -9.68
CA GLY A 66 12.18 -0.26 -10.11
C GLY A 66 12.03 1.19 -9.66
N GLU A 67 10.83 1.71 -9.69
CA GLU A 67 10.61 3.13 -9.26
C GLU A 67 10.77 3.24 -7.74
N THR A 68 10.05 2.43 -7.00
CA THR A 68 10.15 2.50 -5.51
C THR A 68 11.03 1.35 -4.99
N MET A 69 11.73 1.58 -3.92
CA MET A 69 12.61 0.52 -3.36
C MET A 69 11.77 -0.54 -2.63
N TRP A 70 12.02 -1.80 -2.90
CA TRP A 70 11.24 -2.88 -2.23
C TRP A 70 11.97 -3.35 -0.97
N VAL A 71 11.80 -2.66 0.12
CA VAL A 71 12.50 -3.07 1.38
C VAL A 71 11.50 -3.75 2.33
N PRO A 72 11.95 -4.80 2.97
CA PRO A 72 11.07 -5.54 3.92
C PRO A 72 10.91 -4.74 5.22
N ILE A 73 11.88 -4.80 6.10
CA ILE A 73 11.78 -4.05 7.39
C ILE A 73 13.13 -3.99 8.08
N LYS A 74 13.31 -3.08 8.99
CA LYS A 74 14.62 -2.96 9.70
C LYS A 74 14.96 -4.27 10.41
N SER A 75 16.19 -4.44 10.82
CA SER A 75 16.59 -5.71 11.52
C SER A 75 16.18 -6.93 10.68
N SER A 76 16.14 -8.08 11.30
CA SER A 76 15.77 -9.31 10.55
C SER A 76 14.69 -10.09 11.32
N LYS A 77 13.63 -9.45 11.68
CA LYS A 77 12.54 -10.14 12.44
C LYS A 77 11.56 -10.80 11.47
N SER A 78 11.09 -10.06 10.50
CA SER A 78 10.13 -10.64 9.51
C SER A 78 10.18 -9.85 8.20
N GLY A 79 9.16 -9.96 7.39
CA GLY A 79 9.15 -9.22 6.10
C GLY A 79 7.81 -9.45 5.39
N ARG A 80 6.73 -9.10 6.04
CA ARG A 80 5.39 -9.29 5.41
C ARG A 80 4.88 -7.96 4.85
N ILE A 81 5.10 -6.88 5.55
CA ILE A 81 4.63 -5.56 5.05
C ILE A 81 5.60 -5.00 4.01
N PHE A 82 5.23 -5.05 2.76
CA PHE A 82 6.13 -4.53 1.69
C PHE A 82 6.23 -3.00 1.78
N ALA A 83 7.40 -2.46 1.59
CA ALA A 83 7.56 -0.99 1.68
C ALA A 83 8.10 -0.43 0.36
N LEU A 84 7.35 0.42 -0.30
CA LEU A 84 7.83 0.99 -1.59
C LEU A 84 8.27 2.44 -1.37
N VAL A 85 9.49 2.76 -1.73
CA VAL A 85 9.97 4.17 -1.54
C VAL A 85 10.50 4.73 -2.87
N PHE A 86 9.83 5.70 -3.42
CA PHE A 86 10.29 6.30 -4.70
C PHE A 86 11.49 7.22 -4.45
N SER A 87 11.24 8.39 -3.94
CA SER A 87 12.37 9.34 -3.66
C SER A 87 12.27 9.87 -2.24
N SER A 88 11.26 10.64 -1.94
CA SER A 88 11.12 11.18 -0.56
C SER A 88 9.73 11.82 -0.38
N ASN A 89 8.73 11.23 -0.97
CA ASN A 89 7.35 11.80 -0.83
C ASN A 89 6.31 10.79 -1.33
N GLU A 90 6.60 10.10 -2.39
CA GLU A 90 5.63 9.09 -2.92
C GLU A 90 6.00 7.69 -2.42
N ARG A 91 6.35 7.57 -1.17
CA ARG A 91 6.72 6.23 -0.62
C ARG A 91 5.53 5.61 0.12
N TYR A 92 4.97 4.56 -0.41
CA TYR A 92 3.81 3.90 0.26
C TYR A 92 4.20 2.50 0.74
N PHE A 93 3.48 1.95 1.67
CA PHE A 93 3.80 0.59 2.18
C PHE A 93 2.50 -0.19 2.45
N PHE A 94 2.47 -1.46 2.16
CA PHE A 94 1.24 -2.26 2.39
C PHE A 94 1.59 -3.63 2.99
N TRP A 95 0.60 -4.36 3.45
CA TRP A 95 0.89 -5.70 4.03
C TRP A 95 -0.32 -6.63 3.82
N LEU A 96 -0.11 -7.91 3.93
CA LEU A 96 -1.24 -8.87 3.73
C LEU A 96 -0.98 -10.18 4.49
#